data_9IOL
#
_entry.id   9IOL
#
loop_
_entity.id
_entity.type
_entity.pdbx_description
1 polymer 'X-ray repair cross-complementing protein 5'
2 polymer 'X-ray repair cross-complementing protein 6'
3 polymer "DNA (5'-D(P*CP*GP*CP*TP*GP*CP*CP*GP*AP*TP*TP*CP*GP*TP*CP*GP*AP*CP*CP*T)-3')"
4 polymer "DNA (5'-D(P*AP*GP*GP*TP*CP*GP*AP*CP*GP*AP*AP*TP*CP*GP*GP*CP*AP*GP*CP*G)-3')"
5 polymer 'Peptide from Non-homologous end-joining factor 1'
6 non-polymer 'INOSITOL HEXAKISPHOSPHATE'
7 non-polymer '(2S)-2-HYDROXYPROPANOIC ACID'
#
loop_
_entity_poly.entity_id
_entity_poly.type
_entity_poly.pdbx_seq_one_letter_code
_entity_poly.pdbx_strand_id
1 'polypeptide(L)'
;MVRSGNKAAVVLCMDVGFTMSNSIPGIESPFEQAKKVITMFVQRQVFAENKDEIALVLFGTDGTDNPLSGGDQYQNITVH
RHLMLPDFDLLEDIESKIQPGSQQADFLDALIVSMDVIQHETIGKKFEKRHIEIFTDLSSRFSKSQLDIIIHSLKKCDIS
LQFFLPFSLGKEDGSGDRGDGPFRLGGHGPSFPLKGITEQQKEGLEIVKMVMISLEGEDGLDEIYSFSESLRKLCVFKKI
ERHSIHWPCRLTIGSNLSIRIAAYKSILQERVKKTWTVVDAKTLKKEDIQKETVYCLNDDDETEVLKEDIIQGFRYGSDI
VPFSKVDEEQMKYKSEGKCFSVLGFCKSSQVQRRFFMGNQVLKVFAARDDEAAAVALSSLIHALDDLDMVAIVRYAYDKR
ANPQVGVAFPHIKHNYECLVYVQLPFMEDLRQYMFSSLKNSKKYAPTEAQLNAVDALIDSMSLAKKDEKTDTLEDLFPTT
KIPNPRFQRLFQCLLHRALHPREPLPPIQQHIWNMLNPPAEVTTKSQIPLSKIKTLFPLIEAKKKDQVTAQEIFQDNHED
GPTAKKLKTEQGGAHFSVSSLAEGSVTSVGSVNPAENFRVLVKQKKASFEEASNQLINHIEQFLDTNETPYFMKSIDCIR
AFREEAIKFSEEQRFNNFLKALQEKVEIKQLNHFWEIVVQDGITLITKEEASGSSVTAEEAKKFLAPKDKPSGDTAAVFE
EGGDVDDLLDMI
;
A
2 'polypeptide(L)'
;MSGWESYYKTEGDEEAEEEQEENLEASGDYKYSGRDSLIFLVDASKAMFESQSEDELTPFDMSIQCIQSVYISKIISSDR
DLLAVVFYGTEKDKNSVNFKNIYVLQELDNPGAKRILELDQFKGQQGQKRFQDMMGHGSDYSLSEVLWVCANLFSDVQFK
MSHKRIMLFTNEDNPHGNDSAKASRARTKAGDLRDTGIFLDLMHLKKPGGFDISLFYRDIISIAEDEDLRVHFEESSKLE
DLLRKVRAKETRKRALSRLKLKLNKDIVISVGIYNLVQKALKPPPIKLYRETNEPVKTKTRTFNTSTGGLLLPSDTKRSQ
IYGSRQIILEKEETEELKRFDDPGLMLMGFKPLVLLKKHHYLRPSLFVYPEESLVIGSSTLFSALLIKCLEKEVAALCRY
TPRRNIPPYFVALVPQEEELDDQKIQVTPPGFQLVFLPFADDKRKMPFTEKIMATPEQVGKMKAIVEKLRFTYRSDSFEN
PVLQQHFRNLEALALDLMEPEQAVDLTLPKVEAMNKRLGSLVDEFKELVYPPDYNPEGKVTKRKHDNEGSGSKRPKVEYS
EEELKTHISKGTLGKFTVPMLKEACRAYGLKSGLKKQELLEALTKHFQD
;
B
3 'polydeoxyribonucleotide'
;(DC)(DG)(DC)(DT)(DG)(DC)(DC)(DG)(DA)(DT)(DT)(DC)(DG)(DT)(DC)(DG)(DA)(DC)(DC)(DT)
(DC)(DG)(DC)
;
C
4 'polydeoxyribonucleotide'
;(DG)(DC)(DG)(DA)(DG)(DG)(DT)(DC)(DG)(DA)(DC)(DG)(DA)(DA)(DT)(DC)(DG)(DG)(DC)(DA)
(DG)(DC)(DG)
;
D
5 'polypeptide(L)' SKVKRKKPRGLFS M
#
loop_
_chem_comp.id
_chem_comp.type
_chem_comp.name
_chem_comp.formula
2OP non-polymer '(2S)-2-HYDROXYPROPANOIC ACID' 'C3 H6 O3'
DA DNA linking 2'-DEOXYADENOSINE-5'-MONOPHOSPHATE 'C10 H14 N5 O6 P'
DC DNA linking 2'-DEOXYCYTIDINE-5'-MONOPHOSPHATE 'C9 H14 N3 O7 P'
DG DNA linking 2'-DEOXYGUANOSINE-5'-MONOPHOSPHATE 'C10 H14 N5 O7 P'
DT DNA linking THYMIDINE-5'-MONOPHOSPHATE 'C10 H15 N2 O8 P'
IHP non-polymer 'INOSITOL HEXAKISPHOSPHATE' 'C6 H18 O24 P6'
#
# COMPACT_ATOMS: atom_id res chain seq x y z
N ASN A 6 -7.38 -24.38 19.87
CA ASN A 6 -8.81 -24.38 19.55
C ASN A 6 -9.18 -25.57 18.68
N LYS A 7 -8.62 -26.77 18.89
CA LYS A 7 -8.92 -27.90 18.00
C LYS A 7 -10.37 -28.32 18.19
N ALA A 8 -11.12 -28.46 17.10
CA ALA A 8 -12.48 -29.01 17.13
C ALA A 8 -12.49 -30.41 16.51
N ALA A 9 -12.96 -31.40 17.26
CA ALA A 9 -13.28 -32.70 16.71
C ALA A 9 -14.70 -32.64 16.20
N VAL A 10 -14.93 -32.86 14.89
CA VAL A 10 -16.28 -32.77 14.33
C VAL A 10 -16.65 -33.95 13.47
N VAL A 11 -17.89 -34.43 13.64
CA VAL A 11 -18.37 -35.65 13.03
C VAL A 11 -19.50 -35.36 12.07
N LEU A 12 -19.35 -35.78 10.82
CA LEU A 12 -20.43 -35.72 9.83
C LEU A 12 -21.25 -37.00 9.93
N CYS A 13 -22.54 -36.88 10.23
CA CYS A 13 -23.40 -38.01 10.48
C CYS A 13 -24.50 -38.09 9.41
N MET A 14 -24.46 -39.15 8.60
CA MET A 14 -25.20 -39.21 7.35
C MET A 14 -26.29 -40.27 7.34
N ASP A 15 -27.51 -39.82 7.12
CA ASP A 15 -28.57 -40.69 6.67
C ASP A 15 -28.25 -41.16 5.24
N VAL A 16 -28.12 -42.47 5.04
CA VAL A 16 -27.85 -43.16 3.80
C VAL A 16 -29.02 -44.05 3.39
N GLY A 17 -30.22 -43.70 3.84
CA GLY A 17 -31.39 -44.48 3.53
C GLY A 17 -31.84 -44.28 2.10
N PHE A 18 -33.09 -44.66 1.87
CA PHE A 18 -33.70 -44.44 0.57
C PHE A 18 -34.36 -43.07 0.47
N THR A 19 -34.89 -42.49 1.56
CA THR A 19 -35.78 -41.31 1.40
C THR A 19 -35.00 -40.06 0.98
N MET A 20 -33.82 -39.83 1.54
CA MET A 20 -32.89 -38.79 1.09
C MET A 20 -32.13 -39.19 -0.19
N SER A 21 -31.98 -40.48 -0.48
CA SER A 21 -31.48 -40.90 -1.79
C SER A 21 -32.44 -40.52 -2.90
N ASN A 22 -33.74 -40.60 -2.64
CA ASN A 22 -34.74 -40.24 -3.63
C ASN A 22 -34.70 -38.74 -3.89
N SER A 23 -34.95 -38.36 -5.14
CA SER A 23 -34.85 -36.97 -5.56
C SER A 23 -36.20 -36.48 -6.10
N ILE A 24 -36.56 -35.27 -5.70
CA ILE A 24 -37.61 -34.56 -6.45
C ILE A 24 -37.02 -34.09 -7.77
N PRO A 25 -37.61 -34.46 -8.91
CA PRO A 25 -36.91 -34.30 -10.20
C PRO A 25 -36.44 -32.88 -10.48
N GLY A 26 -37.12 -31.86 -9.93
CA GLY A 26 -36.67 -30.50 -10.13
C GLY A 26 -35.36 -30.17 -9.43
N ILE A 27 -34.95 -30.99 -8.46
CA ILE A 27 -33.75 -30.73 -7.69
C ILE A 27 -32.92 -32.00 -7.59
N GLU A 28 -31.65 -31.82 -7.27
CA GLU A 28 -30.82 -32.97 -6.94
C GLU A 28 -31.26 -33.60 -5.63
N SER A 29 -30.99 -34.89 -5.49
CA SER A 29 -31.46 -35.63 -4.33
C SER A 29 -30.88 -35.02 -3.05
N PRO A 30 -31.59 -35.16 -1.92
CA PRO A 30 -30.99 -34.77 -0.65
C PRO A 30 -29.65 -35.45 -0.42
N PHE A 31 -29.50 -36.67 -0.91
CA PHE A 31 -28.20 -37.32 -0.92
C PHE A 31 -27.20 -36.49 -1.71
N GLU A 32 -27.60 -35.98 -2.87
CA GLU A 32 -26.70 -35.17 -3.68
C GLU A 32 -26.37 -33.85 -2.99
N GLN A 33 -27.36 -33.22 -2.36
CA GLN A 33 -27.12 -31.96 -1.67
C GLN A 33 -26.19 -32.17 -0.48
N ALA A 34 -26.37 -33.27 0.24
CA ALA A 34 -25.46 -33.65 1.30
C ALA A 34 -24.05 -33.82 0.74
N LYS A 35 -23.91 -34.48 -0.42
CA LYS A 35 -22.61 -34.62 -1.06
C LYS A 35 -22.00 -33.26 -1.34
N LYS A 36 -22.78 -32.35 -1.94
CA LYS A 36 -22.23 -31.06 -2.33
C LYS A 36 -21.80 -30.25 -1.11
N VAL A 37 -22.65 -30.17 -0.09
CA VAL A 37 -22.32 -29.29 1.04
C VAL A 37 -21.14 -29.85 1.80
N ILE A 38 -21.09 -31.17 1.95
CA ILE A 38 -19.93 -31.81 2.56
C ILE A 38 -18.70 -31.57 1.70
N THR A 39 -18.82 -31.61 0.38
CA THR A 39 -17.71 -31.37 -0.52
C THR A 39 -17.15 -29.97 -0.30
N MET A 40 -18.01 -28.97 -0.22
CA MET A 40 -17.54 -27.62 0.09
C MET A 40 -16.84 -27.61 1.44
N PHE A 41 -17.42 -28.28 2.43
CA PHE A 41 -16.83 -28.31 3.75
C PHE A 41 -15.42 -28.89 3.70
N VAL A 42 -15.23 -30.06 3.09
CA VAL A 42 -13.92 -30.69 3.08
C VAL A 42 -12.94 -29.91 2.23
N GLN A 43 -13.41 -29.28 1.15
CA GLN A 43 -12.54 -28.43 0.36
C GLN A 43 -12.01 -27.29 1.22
N ARG A 44 -12.89 -26.64 1.97
CA ARG A 44 -12.49 -25.60 2.89
C ARG A 44 -11.46 -26.14 3.86
N GLN A 45 -11.73 -27.24 4.53
CA GLN A 45 -10.80 -27.73 5.54
C GLN A 45 -9.46 -28.12 4.95
N VAL A 46 -9.43 -28.72 3.76
CA VAL A 46 -8.15 -29.18 3.21
C VAL A 46 -7.33 -28.00 2.71
N PHE A 47 -7.98 -27.00 2.11
CA PHE A 47 -7.23 -25.84 1.70
C PHE A 47 -7.02 -24.85 2.83
N ALA A 48 -7.62 -25.07 4.00
CA ALA A 48 -7.28 -24.31 5.19
C ALA A 48 -5.96 -24.83 5.78
N GLU A 49 -5.23 -23.94 6.46
CA GLU A 49 -3.98 -24.31 7.14
C GLU A 49 -4.23 -25.09 8.44
N ASN A 50 -5.44 -24.99 9.01
CA ASN A 50 -5.75 -25.61 10.29
C ASN A 50 -5.53 -27.13 10.25
N LYS A 51 -5.19 -27.73 11.39
CA LYS A 51 -4.95 -29.16 11.49
C LYS A 51 -6.12 -29.90 12.12
N ASP A 52 -7.33 -29.38 12.00
CA ASP A 52 -8.49 -30.05 12.57
C ASP A 52 -8.83 -31.31 11.78
N GLU A 53 -9.28 -32.34 12.48
CA GLU A 53 -9.54 -33.64 11.88
C GLU A 53 -11.03 -33.92 11.81
N ILE A 54 -11.42 -34.69 10.79
CA ILE A 54 -12.81 -34.94 10.45
C ILE A 54 -13.04 -36.45 10.46
N ALA A 55 -14.16 -36.88 11.02
CA ALA A 55 -14.61 -38.26 10.96
C ALA A 55 -15.99 -38.29 10.33
N LEU A 56 -16.25 -39.30 9.49
CA LEU A 56 -17.52 -39.42 8.79
C LEU A 56 -18.15 -40.75 9.17
N VAL A 57 -19.41 -40.73 9.64
CA VAL A 57 -20.23 -41.91 9.98
C VAL A 57 -21.55 -41.89 9.23
N LEU A 58 -22.06 -43.07 8.91
CA LEU A 58 -23.29 -43.25 8.16
C LEU A 58 -24.27 -44.05 9.01
N PHE A 59 -25.55 -43.75 8.88
CA PHE A 59 -26.61 -44.46 9.56
C PHE A 59 -27.72 -44.75 8.56
N GLY A 60 -28.29 -45.95 8.64
CA GLY A 60 -29.16 -46.46 7.60
C GLY A 60 -28.47 -47.34 6.60
N THR A 61 -27.24 -47.77 6.89
CA THR A 61 -26.48 -48.58 5.96
C THR A 61 -27.10 -49.97 5.83
N ASP A 62 -26.89 -50.58 4.67
CA ASP A 62 -27.26 -51.99 4.52
C ASP A 62 -26.41 -52.86 5.43
N GLY A 63 -25.13 -52.54 5.59
CA GLY A 63 -24.29 -53.20 6.57
C GLY A 63 -24.48 -52.61 7.96
N THR A 64 -23.80 -53.22 8.91
CA THR A 64 -23.85 -52.80 10.32
C THR A 64 -22.50 -53.04 10.96
N ASP A 65 -21.75 -51.97 11.17
CA ASP A 65 -20.42 -52.09 11.76
C ASP A 65 -20.07 -50.76 12.42
N ASN A 66 -20.06 -50.72 13.74
CA ASN A 66 -19.63 -49.55 14.49
C ASN A 66 -19.18 -49.98 15.91
N PRO A 67 -18.38 -49.17 16.61
CA PRO A 67 -17.83 -49.52 17.92
C PRO A 67 -18.84 -50.00 18.96
N LEU A 68 -20.05 -49.41 19.00
CA LEU A 68 -21.11 -49.82 19.91
C LEU A 68 -21.90 -51.03 19.42
N SER A 69 -21.80 -51.38 18.13
CA SER A 69 -22.79 -52.22 17.47
C SER A 69 -22.94 -53.57 18.10
N GLY A 70 -24.18 -53.93 18.36
CA GLY A 70 -24.51 -55.25 18.84
C GLY A 70 -25.12 -56.10 17.72
N GLY A 71 -25.56 -57.29 18.11
CA GLY A 71 -26.22 -58.16 17.14
C GLY A 71 -27.50 -57.55 16.60
N ASP A 72 -28.31 -56.96 17.47
CA ASP A 72 -29.51 -56.23 17.07
C ASP A 72 -29.40 -54.74 17.33
N GLN A 73 -28.59 -54.32 18.30
CA GLN A 73 -28.49 -52.92 18.66
C GLN A 73 -27.51 -52.22 17.71
N TYR A 74 -27.73 -50.91 17.52
CA TYR A 74 -26.99 -50.02 16.63
C TYR A 74 -26.85 -50.59 15.21
N GLN A 75 -27.93 -51.19 14.70
CA GLN A 75 -27.92 -51.79 13.38
C GLN A 75 -27.93 -50.71 12.31
N ASN A 76 -27.53 -51.11 11.10
CA ASN A 76 -27.51 -50.22 9.93
C ASN A 76 -26.63 -49.00 10.15
N ILE A 77 -25.53 -49.08 10.88
CA ILE A 77 -24.61 -47.97 11.07
C ILE A 77 -23.22 -48.45 10.74
N THR A 78 -22.52 -47.68 9.91
CA THR A 78 -21.19 -47.96 9.40
C THR A 78 -20.28 -46.77 9.66
N VAL A 79 -19.13 -47.01 10.28
CA VAL A 79 -18.12 -45.96 10.41
C VAL A 79 -17.30 -45.94 9.13
N HIS A 80 -17.75 -45.16 8.15
CA HIS A 80 -17.07 -45.04 6.87
C HIS A 80 -15.66 -44.49 7.03
N ARG A 81 -15.49 -43.49 7.89
CA ARG A 81 -14.21 -42.84 8.07
C ARG A 81 -14.01 -42.52 9.54
N HIS A 82 -12.87 -42.94 10.09
CA HIS A 82 -12.43 -42.61 11.44
C HIS A 82 -11.90 -41.17 11.49
N LEU A 83 -11.32 -40.71 12.60
CA LEU A 83 -10.80 -39.36 12.74
C LEU A 83 -9.34 -39.27 12.26
N MET A 84 -9.07 -38.75 11.04
CA MET A 84 -7.73 -38.36 10.62
C MET A 84 -7.85 -37.05 9.86
N LEU A 85 -6.71 -36.50 9.47
CA LEU A 85 -6.73 -35.27 8.70
C LEU A 85 -7.36 -35.53 7.34
N PRO A 86 -8.14 -34.58 6.83
CA PRO A 86 -8.77 -34.78 5.52
C PRO A 86 -7.72 -34.83 4.42
N ASP A 87 -8.06 -35.56 3.36
CA ASP A 87 -7.14 -35.69 2.24
C ASP A 87 -7.93 -35.97 0.96
N PHE A 88 -7.21 -35.94 -0.16
CA PHE A 88 -7.83 -36.11 -1.46
C PHE A 88 -8.38 -37.52 -1.64
N ASP A 89 -7.78 -38.51 -0.96
CA ASP A 89 -8.33 -39.86 -1.02
C ASP A 89 -9.73 -39.90 -0.44
N LEU A 90 -9.89 -39.35 0.76
CA LEU A 90 -11.22 -39.25 1.36
C LEU A 90 -12.14 -38.42 0.48
N LEU A 91 -11.61 -37.34 -0.10
CA LEU A 91 -12.42 -36.47 -0.95
C LEU A 91 -12.97 -37.26 -2.14
N GLU A 92 -12.13 -38.03 -2.81
CA GLU A 92 -12.59 -38.86 -3.91
C GLU A 92 -13.56 -39.92 -3.44
N ASP A 93 -13.33 -40.47 -2.25
CA ASP A 93 -14.27 -41.44 -1.69
C ASP A 93 -15.67 -40.84 -1.61
N ILE A 94 -15.77 -39.62 -1.09
CA ILE A 94 -17.07 -38.97 -1.03
C ILE A 94 -17.57 -38.66 -2.43
N GLU A 95 -16.66 -38.26 -3.33
CA GLU A 95 -17.08 -37.80 -4.65
C GLU A 95 -17.71 -38.93 -5.45
N SER A 96 -17.11 -40.09 -5.44
CA SER A 96 -17.58 -41.15 -6.32
C SER A 96 -17.82 -42.47 -5.63
N LYS A 97 -17.01 -42.82 -4.62
CA LYS A 97 -17.10 -44.14 -4.02
C LYS A 97 -18.46 -44.37 -3.35
N ILE A 98 -18.94 -43.38 -2.60
CA ILE A 98 -20.15 -43.57 -1.82
C ILE A 98 -21.34 -43.74 -2.75
N GLN A 99 -22.28 -44.59 -2.35
CA GLN A 99 -23.49 -44.84 -3.11
C GLN A 99 -24.67 -44.90 -2.18
N PRO A 100 -25.87 -44.59 -2.66
CA PRO A 100 -27.04 -44.61 -1.78
C PRO A 100 -27.30 -46.01 -1.22
N GLY A 101 -27.82 -46.05 0.00
CA GLY A 101 -28.17 -47.28 0.66
C GLY A 101 -29.66 -47.56 0.59
N SER A 102 -30.10 -48.50 1.43
CA SER A 102 -31.50 -48.90 1.42
C SER A 102 -32.08 -49.20 2.80
N GLN A 103 -31.41 -48.83 3.88
CA GLN A 103 -31.88 -49.17 5.23
C GLN A 103 -31.99 -47.90 6.07
N GLN A 104 -32.42 -48.09 7.32
CA GLN A 104 -32.62 -46.98 8.24
C GLN A 104 -32.01 -47.32 9.59
N ALA A 105 -31.62 -46.29 10.33
CA ALA A 105 -31.04 -46.46 11.65
C ALA A 105 -31.49 -45.30 12.52
N ASP A 106 -30.89 -45.17 13.71
CA ASP A 106 -31.28 -44.14 14.65
C ASP A 106 -30.13 -43.16 14.88
N PHE A 107 -30.41 -41.90 14.59
CA PHE A 107 -29.43 -40.83 14.61
C PHE A 107 -28.98 -40.56 16.05
N LEU A 108 -29.84 -40.77 17.04
CA LEU A 108 -29.42 -40.66 18.43
C LEU A 108 -28.69 -41.91 18.93
N ASP A 109 -28.74 -43.02 18.20
CA ASP A 109 -27.71 -44.06 18.33
C ASP A 109 -26.42 -43.61 17.62
N ALA A 110 -26.51 -43.07 16.41
CA ALA A 110 -25.34 -42.69 15.64
C ALA A 110 -24.52 -41.57 16.33
N LEU A 111 -25.15 -40.64 17.04
CA LEU A 111 -24.41 -39.64 17.78
C LEU A 111 -23.79 -40.21 19.06
N ILE A 112 -24.34 -41.24 19.70
CA ILE A 112 -23.62 -41.90 20.79
C ILE A 112 -22.54 -42.87 20.27
N VAL A 113 -22.70 -43.41 19.08
CA VAL A 113 -21.57 -44.00 18.34
C VAL A 113 -20.50 -42.93 18.13
N SER A 114 -20.90 -41.72 17.77
CA SER A 114 -19.99 -40.59 17.64
C SER A 114 -19.39 -40.17 18.97
N MET A 115 -20.12 -40.28 20.09
CA MET A 115 -19.55 -40.11 21.42
C MET A 115 -18.47 -41.16 21.65
N ASP A 116 -18.71 -42.41 21.32
CA ASP A 116 -17.70 -43.45 21.48
C ASP A 116 -16.47 -43.17 20.61
N VAL A 117 -16.68 -42.75 19.36
CA VAL A 117 -15.61 -42.27 18.47
C VAL A 117 -14.85 -41.12 19.12
N ILE A 118 -15.55 -40.11 19.64
CA ILE A 118 -14.92 -39.00 20.37
C ILE A 118 -14.10 -39.55 21.52
N GLN A 119 -14.70 -40.34 22.42
CA GLN A 119 -14.02 -40.89 23.58
C GLN A 119 -12.73 -41.62 23.18
N HIS A 120 -12.82 -42.58 22.28
CA HIS A 120 -11.72 -43.50 22.01
C HIS A 120 -10.69 -42.93 21.03
N GLU A 121 -11.07 -42.01 20.14
CA GLU A 121 -10.16 -41.47 19.13
C GLU A 121 -9.59 -40.10 19.55
N THR A 122 -10.27 -39.32 20.40
CA THR A 122 -9.74 -38.03 20.88
C THR A 122 -8.91 -38.12 22.14
N ILE A 123 -8.98 -39.21 22.92
CA ILE A 123 -8.25 -39.31 24.19
C ILE A 123 -6.71 -39.29 23.99
N GLY A 124 -6.22 -39.81 22.87
CA GLY A 124 -4.81 -39.70 22.47
C GLY A 124 -4.41 -38.33 21.88
N LYS A 125 -5.33 -37.36 21.88
CA LYS A 125 -5.25 -36.04 21.24
C LYS A 125 -5.77 -34.97 22.22
N LYS A 126 -6.00 -33.75 21.73
CA LYS A 126 -6.53 -32.61 22.51
C LYS A 126 -7.54 -31.80 21.68
N PHE A 127 -8.69 -31.45 22.26
CA PHE A 127 -9.73 -30.67 21.60
C PHE A 127 -10.46 -29.71 22.55
N GLU A 128 -10.49 -28.43 22.17
CA GLU A 128 -11.23 -27.40 22.88
C GLU A 128 -12.73 -27.59 22.71
N LYS A 129 -13.17 -28.10 21.56
CA LYS A 129 -14.59 -28.21 21.19
C LYS A 129 -14.94 -29.50 20.46
N ARG A 130 -16.23 -29.86 20.51
CA ARG A 130 -16.82 -30.97 19.76
C ARG A 130 -18.11 -30.53 19.07
N HIS A 131 -18.33 -30.97 17.84
CA HIS A 131 -19.54 -30.67 17.06
C HIS A 131 -20.02 -31.89 16.29
N ILE A 132 -21.33 -32.14 16.26
CA ILE A 132 -21.94 -33.15 15.40
C ILE A 132 -22.83 -32.49 14.36
N GLU A 133 -22.66 -32.90 13.10
CA GLU A 133 -23.42 -32.39 11.98
C GLU A 133 -24.36 -33.49 11.47
N ILE A 134 -25.68 -33.24 11.53
CA ILE A 134 -26.68 -34.26 11.22
C ILE A 134 -27.44 -33.92 9.93
N PHE A 135 -27.49 -34.90 9.02
CA PHE A 135 -28.21 -34.81 7.75
C PHE A 135 -29.28 -35.91 7.66
N THR A 136 -30.55 -35.54 7.54
CA THR A 136 -31.69 -36.45 7.32
C THR A 136 -32.96 -35.69 6.92
N ASP A 137 -33.96 -36.38 6.36
CA ASP A 137 -35.30 -35.82 6.16
C ASP A 137 -36.25 -36.03 7.35
N LEU A 138 -35.85 -36.76 8.40
CA LEU A 138 -36.68 -37.09 9.57
C LEU A 138 -37.95 -37.92 9.26
N SER A 139 -37.92 -38.77 8.24
CA SER A 139 -39.06 -39.62 7.86
C SER A 139 -39.19 -40.96 8.61
N SER A 140 -38.40 -41.27 9.66
CA SER A 140 -38.36 -42.57 10.30
C SER A 140 -38.79 -42.48 11.75
N ARG A 141 -39.37 -43.57 12.25
CA ARG A 141 -39.78 -43.66 13.65
C ARG A 141 -38.54 -43.83 14.53
N PHE A 142 -38.45 -43.01 15.58
CA PHE A 142 -37.37 -43.06 16.54
C PHE A 142 -37.93 -42.97 17.95
N SER A 143 -37.13 -43.41 18.91
CA SER A 143 -37.52 -43.42 20.32
C SER A 143 -36.92 -42.23 21.05
N LYS A 144 -37.57 -41.85 22.15
CA LYS A 144 -37.14 -40.74 23.00
C LYS A 144 -36.86 -41.17 24.42
N SER A 145 -36.76 -42.49 24.66
CA SER A 145 -36.67 -43.00 26.03
C SER A 145 -35.42 -42.47 26.73
N GLN A 146 -34.33 -42.44 26.00
CA GLN A 146 -32.98 -42.06 26.42
C GLN A 146 -32.78 -40.55 26.49
N LEU A 147 -33.78 -39.70 26.24
CA LEU A 147 -33.56 -38.25 26.00
C LEU A 147 -32.83 -37.54 27.14
N ASP A 148 -33.07 -37.95 28.38
CA ASP A 148 -32.38 -37.42 29.55
C ASP A 148 -30.88 -37.73 29.48
N ILE A 149 -30.51 -39.00 29.29
CA ILE A 149 -29.10 -39.40 29.35
C ILE A 149 -28.33 -38.93 28.12
N ILE A 150 -28.96 -38.74 26.96
CA ILE A 150 -28.29 -38.07 25.84
C ILE A 150 -28.05 -36.61 26.18
N ILE A 151 -29.05 -35.84 26.62
CA ILE A 151 -28.85 -34.43 26.94
C ILE A 151 -27.78 -34.28 28.02
N HIS A 152 -27.80 -35.11 29.05
CA HIS A 152 -26.74 -35.17 30.06
C HIS A 152 -25.36 -35.48 29.45
N SER A 153 -25.28 -36.47 28.55
CA SER A 153 -24.03 -36.80 27.86
C SER A 153 -23.49 -35.61 27.05
N LEU A 154 -24.37 -34.95 26.31
CA LEU A 154 -24.02 -33.79 25.50
C LEU A 154 -23.54 -32.63 26.37
N LYS A 155 -24.23 -32.38 27.49
CA LYS A 155 -23.82 -31.38 28.49
C LYS A 155 -22.46 -31.72 29.07
N LYS A 156 -22.29 -32.92 29.65
CA LYS A 156 -21.11 -33.27 30.45
C LYS A 156 -19.82 -33.36 29.62
N CYS A 157 -19.92 -33.83 28.38
CA CYS A 157 -18.78 -33.93 27.47
C CYS A 157 -18.59 -32.68 26.59
N ASP A 158 -19.41 -31.64 26.76
CA ASP A 158 -19.41 -30.43 25.93
C ASP A 158 -19.46 -30.74 24.42
N ILE A 159 -20.56 -31.33 23.98
CA ILE A 159 -20.81 -31.59 22.56
C ILE A 159 -21.86 -30.62 22.05
N SER A 160 -21.51 -29.86 21.02
CA SER A 160 -22.44 -28.99 20.30
C SER A 160 -23.07 -29.71 19.12
N LEU A 161 -24.24 -29.26 18.69
CA LEU A 161 -25.00 -29.85 17.59
C LEU A 161 -25.34 -28.78 16.56
N GLN A 162 -25.39 -29.17 15.29
CA GLN A 162 -26.08 -28.41 14.26
C GLN A 162 -26.90 -29.40 13.44
N PHE A 163 -28.17 -29.09 13.21
CA PHE A 163 -29.05 -29.96 12.44
C PHE A 163 -29.30 -29.32 11.09
N PHE A 164 -29.04 -30.04 10.01
CA PHE A 164 -29.24 -29.49 8.69
C PHE A 164 -30.46 -30.17 8.09
N LEU A 165 -31.45 -29.37 7.70
CA LEU A 165 -32.71 -29.84 7.15
C LEU A 165 -32.74 -29.59 5.63
N PRO A 166 -33.15 -30.56 4.82
CA PRO A 166 -33.27 -30.34 3.38
C PRO A 166 -34.33 -29.30 3.00
N PHE A 167 -35.15 -28.81 3.94
CA PHE A 167 -36.17 -27.82 3.63
C PHE A 167 -35.97 -26.58 4.50
N SER A 168 -36.52 -25.47 4.03
CA SER A 168 -36.46 -24.23 4.78
C SER A 168 -37.23 -24.36 6.08
N LEU A 169 -36.73 -23.69 7.13
CA LEU A 169 -37.38 -23.74 8.43
C LEU A 169 -38.79 -23.17 8.36
N GLY A 170 -38.95 -22.06 7.66
CA GLY A 170 -40.26 -21.41 7.55
C GLY A 170 -40.64 -20.65 8.80
N GLY A 196 -45.68 -29.89 3.93
CA GLY A 196 -45.77 -31.19 3.28
C GLY A 196 -45.07 -32.28 4.05
N ILE A 197 -44.41 -31.89 5.15
CA ILE A 197 -43.69 -32.87 5.97
C ILE A 197 -44.69 -33.80 6.66
N THR A 198 -44.26 -35.04 6.86
CA THR A 198 -45.12 -36.02 7.50
C THR A 198 -45.30 -35.69 8.97
N GLU A 199 -46.24 -36.38 9.60
CA GLU A 199 -46.46 -36.21 11.03
C GLU A 199 -45.22 -36.59 11.83
N GLN A 200 -44.59 -37.70 11.45
CA GLN A 200 -43.29 -38.06 12.03
C GLN A 200 -42.28 -36.95 11.80
N GLN A 201 -42.33 -36.32 10.62
CA GLN A 201 -41.36 -35.29 10.29
C GLN A 201 -41.51 -34.08 11.20
N LYS A 202 -42.74 -33.57 11.35
CA LYS A 202 -42.94 -32.41 12.19
C LYS A 202 -42.70 -32.73 13.65
N GLU A 203 -43.08 -33.94 14.09
CA GLU A 203 -42.79 -34.36 15.46
C GLU A 203 -41.28 -34.36 15.69
N GLY A 204 -40.52 -34.89 14.75
CA GLY A 204 -39.07 -34.84 14.87
C GLY A 204 -38.55 -33.42 14.88
N LEU A 205 -39.17 -32.56 14.08
CA LEU A 205 -38.81 -31.13 14.11
C LEU A 205 -38.94 -30.58 15.52
N GLU A 206 -40.08 -30.84 16.16
CA GLU A 206 -40.29 -30.33 17.51
C GLU A 206 -39.34 -30.99 18.50
N ILE A 207 -38.98 -32.27 18.31
CA ILE A 207 -37.99 -32.88 19.20
C ILE A 207 -36.62 -32.26 18.97
N VAL A 208 -36.28 -31.92 17.73
CA VAL A 208 -35.10 -31.13 17.42
C VAL A 208 -35.16 -29.79 18.15
N LYS A 209 -36.30 -29.08 18.10
CA LYS A 209 -36.48 -27.87 18.91
C LYS A 209 -36.23 -28.18 20.38
N MET A 210 -36.88 -29.19 20.94
CA MET A 210 -36.83 -29.41 22.36
C MET A 210 -35.41 -29.76 22.82
N VAL A 211 -34.68 -30.62 22.11
CA VAL A 211 -33.33 -30.95 22.53
C VAL A 211 -32.43 -29.75 22.36
N MET A 212 -32.52 -29.01 21.25
CA MET A 212 -31.62 -27.89 21.04
C MET A 212 -31.96 -26.71 21.96
N ILE A 213 -33.22 -26.59 22.42
CA ILE A 213 -33.60 -25.74 23.54
C ILE A 213 -32.94 -26.26 24.82
N SER A 214 -33.00 -27.57 25.08
CA SER A 214 -32.45 -28.17 26.29
C SER A 214 -30.93 -28.01 26.41
N LEU A 215 -30.23 -27.84 25.29
CA LEU A 215 -28.82 -27.45 25.27
C LEU A 215 -28.60 -25.93 25.23
N GLU A 216 -29.35 -25.19 24.40
CA GLU A 216 -28.96 -23.85 23.93
C GLU A 216 -30.11 -22.84 23.79
N GLY A 217 -31.34 -23.19 24.20
CA GLY A 217 -32.50 -22.29 24.16
C GLY A 217 -32.82 -21.76 22.76
N GLU A 218 -33.22 -20.49 22.69
CA GLU A 218 -33.54 -19.79 21.45
C GLU A 218 -32.34 -19.71 20.49
N ASP A 219 -31.13 -19.54 21.02
CA ASP A 219 -29.91 -19.61 20.19
C ASP A 219 -29.77 -20.99 19.56
N GLY A 220 -30.12 -22.03 20.30
CA GLY A 220 -30.24 -23.38 19.78
C GLY A 220 -31.19 -23.42 18.58
N LEU A 221 -32.36 -22.78 18.66
CA LEU A 221 -33.32 -22.77 17.57
C LEU A 221 -32.81 -22.08 16.30
N ASP A 222 -31.74 -21.29 16.38
CA ASP A 222 -31.08 -20.70 15.21
C ASP A 222 -30.03 -21.61 14.56
N GLU A 223 -29.63 -22.72 15.18
CA GLU A 223 -28.70 -23.69 14.60
C GLU A 223 -29.35 -24.64 13.58
N ILE A 224 -30.20 -24.10 12.71
CA ILE A 224 -30.84 -24.81 11.61
C ILE A 224 -30.67 -23.99 10.32
N TYR A 225 -30.28 -24.68 9.25
CA TYR A 225 -29.85 -24.10 7.98
C TYR A 225 -30.43 -24.89 6.79
N SER A 226 -30.93 -24.21 5.76
CA SER A 226 -31.32 -24.86 4.52
C SER A 226 -30.11 -25.04 3.62
N PHE A 227 -30.16 -26.10 2.82
CA PHE A 227 -29.04 -26.45 1.97
C PHE A 227 -28.83 -25.36 0.89
N SER A 228 -29.88 -24.65 0.49
CA SER A 228 -29.74 -23.54 -0.46
C SER A 228 -28.92 -22.42 0.14
N GLU A 229 -29.30 -21.94 1.31
CA GLU A 229 -28.52 -20.91 1.97
C GLU A 229 -27.16 -21.45 2.38
N SER A 230 -27.05 -22.74 2.64
CA SER A 230 -25.76 -23.32 2.97
C SER A 230 -24.81 -23.22 1.78
N LEU A 231 -25.29 -23.55 0.59
CA LEU A 231 -24.48 -23.39 -0.60
C LEU A 231 -24.14 -21.93 -0.83
N ARG A 232 -25.11 -21.05 -0.60
CA ARG A 232 -24.85 -19.62 -0.77
C ARG A 232 -23.74 -19.15 0.16
N LYS A 233 -23.76 -19.63 1.41
CA LYS A 233 -22.85 -19.25 2.51
C LYS A 233 -21.45 -19.81 2.34
N LEU A 234 -21.30 -21.08 1.93
CA LEU A 234 -20.00 -21.72 1.78
C LEU A 234 -19.72 -22.13 0.34
N CYS A 235 -20.19 -21.35 -0.63
CA CYS A 235 -19.71 -21.52 -1.99
C CYS A 235 -18.28 -20.99 -2.13
N VAL A 236 -17.84 -20.04 -1.32
CA VAL A 236 -16.52 -19.41 -1.40
C VAL A 236 -15.45 -20.14 -0.58
N PHE A 237 -14.20 -20.19 -1.07
CA PHE A 237 -13.08 -20.70 -0.27
C PHE A 237 -12.78 -19.75 0.88
N LYS A 238 -12.30 -20.31 2.00
CA LYS A 238 -12.21 -19.61 3.28
C LYS A 238 -11.15 -18.50 3.27
N LYS A 239 -11.50 -17.38 3.88
CA LYS A 239 -10.65 -16.21 4.17
C LYS A 239 -9.32 -16.61 4.81
N ILE A 240 -8.23 -15.91 4.54
CA ILE A 240 -6.95 -16.08 5.25
C ILE A 240 -6.99 -15.31 6.59
N GLU A 241 -6.38 -15.83 7.64
CA GLU A 241 -6.15 -15.08 8.88
C GLU A 241 -4.84 -15.45 9.56
N ARG A 242 -4.37 -14.59 10.46
CA ARG A 242 -3.15 -14.77 11.26
C ARG A 242 -3.34 -14.19 12.66
N HIS A 243 -2.52 -14.63 13.60
CA HIS A 243 -2.46 -14.03 14.92
C HIS A 243 -1.32 -13.02 15.00
N SER A 244 -1.64 -11.73 14.88
CA SER A 244 -0.65 -10.65 15.00
C SER A 244 0.02 -10.71 16.36
N ILE A 245 1.34 -10.78 16.39
CA ILE A 245 2.12 -10.86 17.64
C ILE A 245 2.02 -9.54 18.38
N HIS A 246 1.72 -9.55 19.68
CA HIS A 246 1.69 -8.31 20.44
C HIS A 246 3.11 -7.75 20.59
N TRP A 247 3.26 -6.44 20.43
CA TRP A 247 4.52 -5.73 20.57
C TRP A 247 4.43 -4.82 21.81
N PRO A 248 4.98 -5.24 22.96
CA PRO A 248 4.95 -4.45 24.19
C PRO A 248 6.01 -3.36 24.17
N CYS A 249 5.69 -2.17 24.68
CA CYS A 249 6.59 -1.02 24.70
C CYS A 249 6.22 0.03 25.75
N ARG A 250 7.14 0.95 26.02
CA ARG A 250 6.94 2.13 26.84
C ARG A 250 6.79 3.35 25.92
N LEU A 251 5.60 3.96 25.88
CA LEU A 251 5.35 5.25 25.25
C LEU A 251 5.90 6.35 26.16
N THR A 252 6.75 7.22 25.64
CA THR A 252 7.50 8.19 26.41
C THR A 252 7.10 9.60 26.02
N ILE A 253 6.74 10.42 26.99
CA ILE A 253 6.55 11.85 26.83
C ILE A 253 7.68 12.50 27.61
N GLY A 254 8.53 13.29 26.96
CA GLY A 254 9.73 13.84 27.63
C GLY A 254 10.64 12.73 28.19
N SER A 255 11.47 13.02 29.20
CA SER A 255 12.23 11.96 29.88
C SER A 255 11.49 11.30 31.03
N ASN A 256 10.53 12.00 31.66
CA ASN A 256 10.01 11.56 32.94
C ASN A 256 8.66 10.86 32.83
N LEU A 257 7.82 11.21 31.88
CA LEU A 257 6.51 10.59 31.74
C LEU A 257 6.61 9.39 30.79
N SER A 258 6.19 8.22 31.26
CA SER A 258 6.21 7.00 30.49
C SER A 258 4.90 6.26 30.66
N ILE A 259 4.39 5.56 29.65
CA ILE A 259 3.17 4.76 29.71
C ILE A 259 3.43 3.39 29.10
N ARG A 260 3.03 2.29 29.74
CA ARG A 260 3.19 0.96 29.17
C ARG A 260 2.04 0.65 28.22
N ILE A 261 2.35 0.16 27.04
CA ILE A 261 1.44 -0.06 25.92
C ILE A 261 1.69 -1.41 25.26
N ALA A 262 0.74 -1.86 24.45
CA ALA A 262 0.96 -2.97 23.55
C ALA A 262 0.36 -2.66 22.19
N ALA A 263 1.02 -3.07 21.12
CA ALA A 263 0.59 -2.78 19.76
C ALA A 263 0.37 -4.03 18.93
N TYR A 264 -0.50 -3.94 17.93
CA TYR A 264 -0.85 -5.03 17.03
C TYR A 264 -0.97 -4.55 15.59
N LYS A 265 -0.46 -5.30 14.61
CA LYS A 265 -0.80 -5.06 13.21
C LYS A 265 -2.29 -5.30 13.00
N SER A 266 -2.95 -4.42 12.26
CA SER A 266 -4.39 -4.43 12.03
C SER A 266 -4.78 -4.54 10.56
N ILE A 267 -4.06 -3.89 9.65
CA ILE A 267 -4.30 -3.93 8.21
C ILE A 267 -2.99 -4.26 7.52
N LEU A 268 -2.96 -5.26 6.65
CA LEU A 268 -1.74 -5.60 5.92
C LEU A 268 -2.11 -6.19 4.58
N GLN A 269 -1.24 -6.04 3.59
CA GLN A 269 -1.39 -6.67 2.29
C GLN A 269 -1.13 -8.18 2.41
N GLU A 270 -2.16 -8.95 2.76
CA GLU A 270 -2.06 -10.34 3.16
C GLU A 270 -1.71 -11.24 1.97
N ARG A 271 -0.93 -12.29 2.22
CA ARG A 271 -0.22 -13.02 1.16
C ARG A 271 -0.12 -14.51 1.47
N VAL A 272 -0.41 -15.39 0.51
CA VAL A 272 -0.28 -16.84 0.69
C VAL A 272 1.18 -17.22 0.89
N LYS A 273 1.50 -17.98 1.94
CA LYS A 273 2.88 -18.30 2.30
C LYS A 273 3.49 -19.41 1.44
N LYS A 274 2.70 -20.41 1.07
CA LYS A 274 3.12 -21.51 0.21
C LYS A 274 3.34 -21.00 -1.20
N THR A 275 4.59 -21.12 -1.64
CA THR A 275 5.10 -20.66 -2.93
C THR A 275 5.06 -21.78 -3.95
N TRP A 276 5.25 -21.46 -5.23
CA TRP A 276 5.60 -22.48 -6.20
C TRP A 276 6.98 -23.06 -5.93
N THR A 277 7.15 -24.33 -6.31
CA THR A 277 8.38 -25.11 -6.21
C THR A 277 8.77 -25.53 -7.62
N VAL A 278 10.05 -25.56 -7.93
CA VAL A 278 10.55 -25.85 -9.27
C VAL A 278 11.05 -27.28 -9.35
N VAL A 279 10.64 -28.05 -10.35
CA VAL A 279 10.96 -29.48 -10.47
C VAL A 279 11.29 -29.89 -11.90
N ASP A 280 12.04 -30.97 -12.04
CA ASP A 280 12.32 -31.59 -13.34
C ASP A 280 11.04 -32.02 -14.05
N ALA A 281 10.88 -31.64 -15.31
CA ALA A 281 9.72 -32.02 -16.11
C ALA A 281 9.54 -33.53 -16.30
N LYS A 282 10.58 -34.35 -16.16
CA LYS A 282 10.50 -35.81 -16.38
C LYS A 282 10.22 -36.59 -15.10
N THR A 283 10.99 -36.39 -14.05
CA THR A 283 10.86 -37.11 -12.77
C THR A 283 9.91 -36.44 -11.78
N LEU A 284 9.59 -35.16 -11.95
CA LEU A 284 8.87 -34.34 -10.98
C LEU A 284 9.61 -34.15 -9.64
N LYS A 285 10.90 -34.46 -9.57
CA LYS A 285 11.75 -34.24 -8.40
C LYS A 285 12.36 -32.84 -8.38
N LYS A 286 12.61 -32.31 -7.18
CA LYS A 286 13.26 -31.00 -6.98
C LYS A 286 14.78 -31.07 -7.15
N GLU A 287 15.40 -32.15 -6.71
CA GLU A 287 16.85 -32.25 -6.55
C GLU A 287 17.64 -32.35 -7.87
N ASP A 288 16.95 -32.53 -9.00
CA ASP A 288 17.58 -32.67 -10.32
C ASP A 288 18.07 -31.36 -10.94
N ILE A 289 17.83 -30.20 -10.33
CA ILE A 289 18.14 -28.89 -10.93
C ILE A 289 19.02 -28.03 -10.01
N GLN A 290 19.91 -27.24 -10.60
CA GLN A 290 20.88 -26.44 -9.86
C GLN A 290 21.06 -25.11 -10.58
N LYS A 291 21.21 -24.02 -9.81
CA LYS A 291 21.46 -22.66 -10.30
C LYS A 291 22.92 -22.26 -10.08
N GLU A 292 23.53 -21.61 -11.06
CA GLU A 292 24.91 -21.18 -11.00
C GLU A 292 25.00 -19.69 -11.35
N THR A 293 25.82 -18.96 -10.61
CA THR A 293 26.05 -17.54 -10.84
C THR A 293 27.43 -17.37 -11.48
N VAL A 294 27.48 -16.77 -12.65
CA VAL A 294 28.67 -16.45 -13.41
C VAL A 294 29.21 -15.10 -12.96
N TYR A 295 30.53 -14.94 -13.04
CA TYR A 295 31.17 -13.64 -13.01
C TYR A 295 32.16 -13.50 -14.16
N CYS A 296 32.14 -12.35 -14.81
CA CYS A 296 33.04 -12.02 -15.90
C CYS A 296 33.24 -10.50 -15.93
N LEU A 297 34.31 -10.00 -16.53
CA LEU A 297 34.53 -8.56 -16.67
C LEU A 297 33.45 -7.92 -17.57
N ASN A 298 33.11 -6.63 -17.37
CA ASN A 298 32.21 -5.93 -18.28
C ASN A 298 32.77 -5.83 -19.70
N ASP A 299 34.08 -5.97 -19.92
CA ASP A 299 34.69 -5.74 -21.24
C ASP A 299 34.42 -6.85 -22.29
N ASP A 300 34.92 -6.61 -23.51
CA ASP A 300 34.73 -7.49 -24.67
C ASP A 300 35.32 -8.89 -24.48
N ASP A 301 34.73 -9.87 -25.17
CA ASP A 301 35.02 -11.32 -25.04
C ASP A 301 34.72 -11.91 -23.65
N GLU A 302 34.17 -11.12 -22.72
CA GLU A 302 33.50 -11.59 -21.52
C GLU A 302 34.38 -12.51 -20.64
N THR A 303 35.62 -12.08 -20.39
CA THR A 303 36.61 -12.85 -19.63
C THR A 303 36.07 -13.28 -18.27
N GLU A 304 36.06 -14.59 -18.02
CA GLU A 304 35.57 -15.22 -16.79
C GLU A 304 36.41 -14.82 -15.57
N VAL A 305 35.77 -14.73 -14.41
CA VAL A 305 36.36 -14.29 -13.14
C VAL A 305 36.02 -15.27 -12.02
N LEU A 306 37.03 -15.64 -11.23
CA LEU A 306 36.86 -16.39 -9.98
C LEU A 306 36.23 -15.53 -8.89
N LYS A 307 35.31 -16.10 -8.12
CA LYS A 307 34.59 -15.40 -7.04
C LYS A 307 35.53 -14.79 -6.00
N GLU A 308 36.68 -15.42 -5.76
CA GLU A 308 37.66 -14.94 -4.80
C GLU A 308 38.11 -13.49 -5.07
N ASP A 309 38.47 -13.16 -6.30
CA ASP A 309 39.00 -11.83 -6.66
C ASP A 309 37.90 -10.79 -6.96
N ILE A 310 36.73 -10.95 -6.37
CA ILE A 310 35.62 -9.99 -6.46
C ILE A 310 35.47 -9.28 -5.11
N ILE A 311 35.29 -7.97 -5.18
CA ILE A 311 35.12 -7.09 -4.04
C ILE A 311 33.84 -6.28 -4.19
N GLN A 312 33.42 -5.69 -3.08
CA GLN A 312 32.19 -4.92 -3.04
C GLN A 312 32.49 -3.42 -3.07
N GLY A 313 31.78 -2.70 -3.92
CA GLY A 313 31.99 -1.27 -4.04
C GLY A 313 30.70 -0.54 -4.29
N PHE A 314 30.66 0.80 -4.22
CA PHE A 314 29.45 1.62 -4.39
C PHE A 314 29.61 2.74 -5.42
N ARG A 315 28.53 3.10 -6.12
CA ARG A 315 28.43 4.35 -6.88
C ARG A 315 28.43 5.57 -5.96
N TYR A 316 29.04 6.65 -6.41
CA TYR A 316 28.84 8.01 -5.92
C TYR A 316 28.99 8.94 -7.13
N GLY A 317 27.90 9.12 -7.87
CA GLY A 317 27.94 9.83 -9.15
C GLY A 317 28.81 9.08 -10.12
N SER A 318 29.75 9.79 -10.75
CA SER A 318 30.71 9.13 -11.61
C SER A 318 31.79 8.40 -10.82
N ASP A 319 31.93 8.65 -9.53
CA ASP A 319 32.91 7.97 -8.70
C ASP A 319 32.40 6.58 -8.30
N ILE A 320 33.32 5.64 -8.15
CA ILE A 320 33.06 4.30 -7.65
C ILE A 320 33.96 4.08 -6.44
N VAL A 321 33.40 3.77 -5.27
CA VAL A 321 34.11 3.67 -4.01
C VAL A 321 34.17 2.21 -3.53
N PRO A 322 35.34 1.59 -3.33
CA PRO A 322 35.41 0.25 -2.77
C PRO A 322 35.07 0.27 -1.27
N PHE A 323 34.24 -0.66 -0.81
CA PHE A 323 33.83 -0.70 0.60
C PHE A 323 33.43 -2.12 1.02
N SER A 324 34.23 -2.72 1.90
CA SER A 324 34.03 -4.08 2.36
C SER A 324 32.79 -4.16 3.26
N LYS A 325 32.12 -5.34 3.24
CA LYS A 325 30.92 -5.57 4.06
C LYS A 325 31.21 -5.43 5.54
N VAL A 326 32.39 -5.85 5.98
CA VAL A 326 32.73 -5.72 7.40
C VAL A 326 32.80 -4.26 7.80
N ASP A 327 33.50 -3.45 7.00
CA ASP A 327 33.59 -2.04 7.30
C ASP A 327 32.23 -1.37 7.23
N GLU A 328 31.42 -1.73 6.24
CA GLU A 328 30.07 -1.21 6.08
C GLU A 328 29.22 -1.51 7.30
N GLU A 329 29.31 -2.72 7.84
CA GLU A 329 28.56 -3.07 9.04
C GLU A 329 29.08 -2.32 10.25
N GLN A 330 30.40 -2.19 10.38
CA GLN A 330 30.96 -1.57 11.58
C GLN A 330 30.66 -0.07 11.61
N MET A 331 30.61 0.57 10.43
CA MET A 331 30.31 2.00 10.23
C MET A 331 28.82 2.33 10.08
N LYS A 332 27.95 1.37 9.78
CA LYS A 332 26.49 1.57 9.65
C LYS A 332 25.92 2.31 10.88
N TYR A 333 24.88 3.12 10.69
CA TYR A 333 24.14 3.78 11.78
C TYR A 333 23.55 2.77 12.76
N LYS A 334 23.76 2.96 14.07
CA LYS A 334 23.22 2.08 15.10
C LYS A 334 22.11 2.79 15.84
N SER A 335 20.94 2.16 15.90
CA SER A 335 19.82 2.68 16.67
C SER A 335 19.89 2.17 18.10
N GLU A 336 19.27 2.91 19.01
CA GLU A 336 19.26 2.55 20.43
C GLU A 336 18.45 1.28 20.70
N GLY A 337 17.36 1.04 19.94
CA GLY A 337 16.57 -0.16 20.08
C GLY A 337 15.09 0.19 20.03
N LYS A 338 14.24 -0.57 20.73
CA LYS A 338 12.80 -0.28 20.80
C LYS A 338 12.54 1.17 21.21
N CYS A 339 11.67 1.88 20.49
CA CYS A 339 11.16 3.16 20.98
C CYS A 339 9.75 3.45 20.47
N PHE A 340 9.05 4.24 21.28
CA PHE A 340 7.85 4.95 20.88
C PHE A 340 7.83 6.27 21.64
N SER A 341 8.43 7.29 21.05
CA SER A 341 8.62 8.59 21.69
C SER A 341 7.90 9.67 20.91
N VAL A 342 7.36 10.64 21.62
CA VAL A 342 6.48 11.66 21.04
C VAL A 342 7.27 12.93 20.79
N LEU A 343 7.28 13.43 19.57
CA LEU A 343 8.03 14.65 19.23
C LEU A 343 7.26 15.91 19.58
N GLY A 344 5.93 15.87 19.50
CA GLY A 344 5.05 16.99 19.81
C GLY A 344 3.67 16.80 19.20
N PHE A 345 2.81 17.78 19.41
CA PHE A 345 1.41 17.73 18.96
C PHE A 345 1.09 18.86 17.99
N CYS A 346 0.17 18.61 17.07
CA CYS A 346 -0.31 19.62 16.13
C CYS A 346 -1.78 19.43 15.78
N LYS A 347 -2.38 20.43 15.13
CA LYS A 347 -3.72 20.28 14.56
C LYS A 347 -3.77 19.15 13.56
N SER A 348 -4.86 18.38 13.59
CA SER A 348 -5.11 17.29 12.66
C SER A 348 -5.10 17.76 11.20
N SER A 349 -5.56 18.97 10.95
CA SER A 349 -5.60 19.57 9.61
C SER A 349 -4.22 19.84 9.01
N GLN A 350 -3.13 19.78 9.77
CA GLN A 350 -1.79 19.85 9.18
C GLN A 350 -1.47 18.63 8.29
N VAL A 351 -2.07 17.47 8.56
CA VAL A 351 -1.62 16.17 8.04
C VAL A 351 -2.61 15.61 7.04
N GLN A 352 -2.56 16.09 5.80
CA GLN A 352 -3.41 15.55 4.73
C GLN A 352 -3.10 14.07 4.49
N ARG A 353 -4.11 13.22 4.43
CA ARG A 353 -3.87 11.77 4.43
C ARG A 353 -3.14 11.24 3.20
N ARG A 354 -3.07 12.00 2.11
CA ARG A 354 -2.32 11.60 0.90
C ARG A 354 -0.83 11.39 1.16
N PHE A 355 -0.28 12.00 2.21
CA PHE A 355 1.10 11.75 2.60
C PHE A 355 1.32 10.41 3.30
N PHE A 356 0.29 9.68 3.74
CA PHE A 356 0.48 8.48 4.55
C PHE A 356 1.39 7.48 3.82
N MET A 357 2.40 7.03 4.51
CA MET A 357 3.47 6.20 4.00
C MET A 357 3.48 4.89 4.76
N GLY A 358 4.26 3.93 4.29
CA GLY A 358 4.40 2.66 4.96
C GLY A 358 3.50 1.60 4.37
N ASN A 359 3.63 0.39 4.91
CA ASN A 359 2.91 -0.77 4.41
C ASN A 359 2.12 -1.46 5.51
N GLN A 360 1.93 -0.83 6.66
CA GLN A 360 1.25 -1.41 7.79
C GLN A 360 0.41 -0.36 8.48
N VAL A 361 -0.52 -0.81 9.30
CA VAL A 361 -1.27 0.04 10.23
C VAL A 361 -1.27 -0.61 11.59
N LEU A 362 -0.83 0.10 12.62
CA LEU A 362 -0.83 -0.40 13.98
C LEU A 362 -1.96 0.22 14.77
N LYS A 363 -2.61 -0.59 15.61
CA LYS A 363 -3.46 -0.11 16.68
C LYS A 363 -2.72 -0.31 17.99
N VAL A 364 -2.70 0.69 18.84
CA VAL A 364 -1.98 0.65 20.11
C VAL A 364 -2.97 0.70 21.24
N PHE A 365 -2.95 -0.34 22.07
CA PHE A 365 -3.74 -0.48 23.28
C PHE A 365 -2.85 -0.32 24.49
N ALA A 366 -3.45 -0.26 25.66
CA ALA A 366 -2.69 -0.20 26.90
C ALA A 366 -1.97 -1.52 27.13
N ALA A 367 -0.93 -1.52 27.98
CA ALA A 367 -0.30 -2.77 28.39
C ALA A 367 -1.32 -3.68 29.07
N ARG A 368 -1.16 -4.97 28.91
CA ARG A 368 -2.12 -5.97 29.38
C ARG A 368 -2.28 -5.88 30.91
N ASP A 369 -3.51 -5.69 31.39
CA ASP A 369 -3.88 -5.74 32.81
C ASP A 369 -3.12 -4.68 33.62
N ASP A 370 -3.27 -3.42 33.25
CA ASP A 370 -2.75 -2.31 34.03
C ASP A 370 -3.78 -1.20 34.07
N GLU A 371 -4.57 -1.22 35.14
CA GLU A 371 -5.65 -0.28 35.39
C GLU A 371 -5.17 1.17 35.22
N ALA A 372 -4.05 1.50 35.84
CA ALA A 372 -3.50 2.84 35.72
C ALA A 372 -3.15 3.17 34.29
N ALA A 373 -2.54 2.22 33.58
CA ALA A 373 -2.17 2.48 32.19
C ALA A 373 -3.40 2.71 31.32
N ALA A 374 -4.46 1.94 31.51
CA ALA A 374 -5.68 2.13 30.76
C ALA A 374 -6.29 3.50 31.03
N VAL A 375 -6.29 3.94 32.29
CA VAL A 375 -6.71 5.30 32.66
C VAL A 375 -5.87 6.33 31.93
N ALA A 376 -4.55 6.18 31.94
CA ALA A 376 -3.68 7.14 31.30
C ALA A 376 -3.97 7.24 29.80
N LEU A 377 -4.03 6.12 29.10
CA LEU A 377 -4.18 6.16 27.65
C LEU A 377 -5.57 6.64 27.28
N SER A 378 -6.59 6.30 28.07
CA SER A 378 -7.91 6.87 27.93
C SER A 378 -7.85 8.39 28.01
N SER A 379 -7.12 8.92 28.99
CA SER A 379 -6.93 10.36 29.14
C SER A 379 -6.35 10.98 27.90
N LEU A 380 -5.37 10.32 27.30
CA LEU A 380 -4.69 10.85 26.12
C LEU A 380 -5.58 10.84 24.92
N ILE A 381 -6.31 9.74 24.68
CA ILE A 381 -7.19 9.68 23.54
C ILE A 381 -8.28 10.73 23.70
N HIS A 382 -8.82 10.88 24.90
CA HIS A 382 -9.82 11.91 25.16
C HIS A 382 -9.29 13.32 24.94
N ALA A 383 -8.18 13.66 25.58
CA ALA A 383 -7.64 15.00 25.45
C ALA A 383 -7.38 15.33 23.99
N LEU A 384 -6.84 14.37 23.23
CA LEU A 384 -6.49 14.63 21.84
C LEU A 384 -7.73 14.83 21.00
N ASP A 385 -8.75 13.99 21.18
CA ASP A 385 -9.94 14.13 20.36
C ASP A 385 -10.69 15.41 20.70
N ASP A 386 -10.71 15.82 21.97
CA ASP A 386 -11.34 17.07 22.36
C ASP A 386 -10.66 18.28 21.72
N LEU A 387 -9.33 18.35 21.73
CA LEU A 387 -8.62 19.47 21.12
C LEU A 387 -8.55 19.38 19.59
N ASP A 388 -8.97 18.27 18.99
CA ASP A 388 -8.83 18.00 17.56
C ASP A 388 -7.37 18.13 17.09
N MET A 389 -6.53 17.32 17.71
CA MET A 389 -5.10 17.30 17.49
C MET A 389 -4.59 15.88 17.34
N VAL A 390 -3.39 15.74 16.81
CA VAL A 390 -2.73 14.46 16.59
C VAL A 390 -1.32 14.53 17.13
N ALA A 391 -0.73 13.36 17.36
CA ALA A 391 0.60 13.20 17.92
C ALA A 391 1.58 12.69 16.86
N ILE A 392 2.77 13.27 16.83
CA ILE A 392 3.86 12.82 15.97
C ILE A 392 4.81 11.98 16.81
N VAL A 393 5.16 10.80 16.32
CA VAL A 393 5.92 9.82 17.07
C VAL A 393 7.04 9.22 16.25
N ARG A 394 8.09 8.78 16.94
CA ARG A 394 9.24 8.03 16.39
C ARG A 394 9.13 6.57 16.78
N TYR A 395 9.20 5.69 15.81
CA TYR A 395 8.97 4.26 16.00
C TYR A 395 10.18 3.45 15.56
N ALA A 396 10.52 2.42 16.33
CA ALA A 396 11.57 1.48 15.97
C ALA A 396 11.22 0.08 16.49
N TYR A 397 11.08 -0.87 15.56
CA TYR A 397 10.62 -2.22 15.85
C TYR A 397 11.53 -2.98 16.80
N ASP A 398 12.84 -2.92 16.57
CA ASP A 398 13.89 -3.49 17.40
C ASP A 398 15.24 -2.84 17.07
N LYS A 399 16.32 -3.21 17.77
CA LYS A 399 17.65 -2.65 17.55
C LYS A 399 18.29 -2.97 16.19
N ARG A 400 17.66 -3.80 15.35
CA ARG A 400 18.16 -4.17 14.02
C ARG A 400 17.46 -3.35 12.93
N ALA A 401 16.18 -3.07 13.09
CA ALA A 401 15.36 -2.36 12.10
C ALA A 401 15.74 -0.87 11.94
N ASN A 402 15.36 -0.24 10.83
CA ASN A 402 15.54 1.20 10.62
C ASN A 402 14.43 2.01 11.30
N PRO A 403 14.73 3.14 11.95
CA PRO A 403 13.74 3.95 12.62
C PRO A 403 12.82 4.64 11.61
N GLN A 404 11.64 5.03 12.06
CA GLN A 404 10.63 5.72 11.25
C GLN A 404 10.05 6.91 11.99
N VAL A 405 9.49 7.85 11.23
CA VAL A 405 8.71 8.94 11.78
C VAL A 405 7.28 8.74 11.32
N GLY A 406 6.32 8.84 12.22
CA GLY A 406 4.93 8.62 11.87
C GLY A 406 3.96 9.35 12.78
N VAL A 407 2.72 9.44 12.33
CA VAL A 407 1.63 10.07 13.07
C VAL A 407 0.94 9.02 13.89
N ALA A 408 0.39 9.41 15.02
CA ALA A 408 -0.63 8.69 15.72
C ALA A 408 -1.82 9.58 15.99
N PHE A 409 -3.02 9.01 15.97
CA PHE A 409 -4.25 9.77 16.15
C PHE A 409 -5.32 8.97 16.90
N PRO A 410 -6.24 9.65 17.61
CA PRO A 410 -7.19 8.97 18.49
C PRO A 410 -8.26 8.23 17.71
N HIS A 411 -8.73 7.12 18.25
CA HIS A 411 -9.88 6.38 17.75
C HIS A 411 -10.77 5.96 18.92
N ILE A 412 -12.08 6.11 18.76
CA ILE A 412 -13.09 5.92 19.81
C ILE A 412 -14.19 5.03 19.28
N LYS A 413 -14.65 4.11 20.13
CA LYS A 413 -15.66 3.09 19.84
C LYS A 413 -16.53 2.88 21.07
N HIS A 414 -17.65 2.17 20.91
CA HIS A 414 -18.18 1.41 22.05
C HIS A 414 -17.08 0.46 22.55
N ASN A 415 -17.07 0.13 23.84
CA ASN A 415 -15.94 -0.57 24.45
C ASN A 415 -14.62 0.23 24.29
N TYR A 416 -13.56 -0.35 23.72
CA TYR A 416 -12.19 0.17 23.80
C TYR A 416 -11.93 1.52 23.11
N GLU A 417 -10.86 2.18 23.53
CA GLU A 417 -10.24 3.31 22.85
C GLU A 417 -8.77 2.98 22.56
N CYS A 418 -8.21 3.49 21.48
CA CYS A 418 -6.81 3.24 21.13
C CYS A 418 -6.23 4.39 20.31
N LEU A 419 -4.90 4.49 20.23
CA LEU A 419 -4.27 5.24 19.15
C LEU A 419 -4.17 4.36 17.90
N VAL A 420 -4.35 4.97 16.74
CA VAL A 420 -3.89 4.45 15.45
C VAL A 420 -2.50 5.02 15.18
N TYR A 421 -1.63 4.30 14.47
CA TYR A 421 -0.33 4.80 14.00
C TYR A 421 -0.09 4.47 12.52
N VAL A 422 0.55 5.36 11.77
CA VAL A 422 0.94 5.20 10.35
C VAL A 422 2.26 5.94 10.07
N GLN A 423 3.06 5.44 9.12
CA GLN A 423 4.35 6.05 8.83
C GLN A 423 4.21 7.30 7.97
N LEU A 424 5.04 8.32 8.19
CA LEU A 424 5.12 9.58 7.42
C LEU A 424 6.41 9.65 6.57
N PRO A 425 6.45 10.51 5.53
CA PRO A 425 7.56 10.58 4.58
C PRO A 425 8.77 11.31 5.17
N PHE A 426 9.98 10.89 4.78
CA PHE A 426 11.19 11.69 4.95
C PHE A 426 11.37 12.64 3.78
N MET A 427 12.03 13.76 4.03
CA MET A 427 12.22 14.84 3.06
C MET A 427 12.80 14.36 1.73
N GLU A 428 13.64 13.35 1.74
CA GLU A 428 14.27 12.72 0.59
C GLU A 428 13.31 11.91 -0.29
N ASP A 429 12.07 11.66 0.11
CA ASP A 429 11.15 10.74 -0.57
C ASP A 429 9.90 11.40 -1.20
N LEU A 430 9.73 12.71 -1.01
CA LEU A 430 8.80 13.53 -1.78
C LEU A 430 9.30 13.73 -3.22
N ARG A 431 8.38 14.05 -4.13
CA ARG A 431 8.64 14.61 -5.48
C ARG A 431 7.67 15.76 -5.76
N GLN A 432 7.94 16.58 -6.76
CA GLN A 432 7.06 17.66 -7.21
C GLN A 432 7.09 17.83 -8.73
N TYR A 433 6.00 18.31 -9.31
CA TYR A 433 5.74 18.13 -10.74
C TYR A 433 5.07 19.30 -11.47
N MET A 434 4.57 20.33 -10.78
CA MET A 434 4.16 21.58 -11.44
C MET A 434 3.13 21.36 -12.58
N PHE A 435 2.06 20.61 -12.32
CA PHE A 435 1.03 20.33 -13.32
C PHE A 435 0.30 21.59 -13.79
N SER A 436 -0.05 21.66 -15.07
CA SER A 436 -0.78 22.80 -15.62
C SER A 436 -2.17 22.92 -14.98
N SER A 437 -2.56 24.14 -14.58
CA SER A 437 -3.86 24.38 -13.97
C SER A 437 -4.99 24.30 -14.98
N LEU A 438 -5.95 23.41 -14.73
CA LEU A 438 -7.08 23.21 -15.64
C LEU A 438 -8.15 24.30 -15.51
N LYS A 439 -8.35 24.91 -14.33
CA LYS A 439 -9.51 25.77 -14.11
C LYS A 439 -9.44 27.03 -14.95
N ASN A 440 -8.25 27.61 -15.07
CA ASN A 440 -8.07 28.85 -15.79
C ASN A 440 -7.97 28.65 -17.30
N SER A 441 -7.91 27.41 -17.80
CA SER A 441 -7.77 27.14 -19.25
C SER A 441 -8.97 27.62 -20.06
N LYS A 442 -8.69 28.13 -21.26
CA LYS A 442 -9.74 28.56 -22.21
C LYS A 442 -10.22 27.42 -23.11
N LYS A 443 -9.35 26.46 -23.44
CA LYS A 443 -9.69 25.34 -24.32
C LYS A 443 -10.59 24.31 -23.63
N TYR A 444 -10.29 23.96 -22.39
CA TYR A 444 -10.87 22.79 -21.73
C TYR A 444 -12.03 23.08 -20.79
N ALA A 445 -12.45 24.34 -20.66
CA ALA A 445 -13.63 24.68 -19.86
C ALA A 445 -14.89 24.00 -20.42
N PRO A 446 -15.64 23.23 -19.62
CA PRO A 446 -16.83 22.54 -20.09
C PRO A 446 -18.02 23.50 -20.23
N THR A 447 -18.99 23.14 -21.07
CA THR A 447 -20.25 23.88 -21.18
C THR A 447 -21.19 23.58 -20.02
N GLU A 448 -22.14 24.48 -19.78
CA GLU A 448 -23.17 24.26 -18.77
C GLU A 448 -24.04 23.02 -19.09
N ALA A 449 -24.33 22.78 -20.37
CA ALA A 449 -25.05 21.58 -20.78
C ALA A 449 -24.27 20.31 -20.45
N GLN A 450 -22.97 20.30 -20.74
CA GLN A 450 -22.07 19.21 -20.38
C GLN A 450 -22.10 18.96 -18.87
N LEU A 451 -21.99 20.01 -18.07
CA LEU A 451 -22.06 19.90 -16.61
C LEU A 451 -23.41 19.32 -16.16
N ASN A 452 -24.52 19.64 -16.81
CA ASN A 452 -25.80 19.03 -16.46
C ASN A 452 -25.82 17.53 -16.75
N ALA A 453 -25.22 17.09 -17.85
CA ALA A 453 -25.18 15.65 -18.14
C ALA A 453 -24.32 14.93 -17.10
N VAL A 454 -23.18 15.51 -16.73
CA VAL A 454 -22.37 14.98 -15.64
C VAL A 454 -23.17 14.93 -14.35
N ASP A 455 -23.93 15.96 -14.04
CA ASP A 455 -24.73 16.00 -12.82
C ASP A 455 -25.80 14.91 -12.77
N ALA A 456 -26.41 14.58 -13.91
CA ALA A 456 -27.32 13.45 -13.98
C ALA A 456 -26.57 12.14 -13.71
N LEU A 457 -25.40 11.98 -14.33
CA LEU A 457 -24.63 10.76 -14.24
C LEU A 457 -24.18 10.49 -12.81
N ILE A 458 -23.61 11.47 -12.10
CA ILE A 458 -23.09 11.26 -10.75
C ILE A 458 -24.19 10.84 -9.77
N ASP A 459 -25.43 11.29 -9.95
CA ASP A 459 -26.53 10.78 -9.13
C ASP A 459 -26.86 9.34 -9.47
N SER A 460 -26.92 9.00 -10.75
CA SER A 460 -27.33 7.65 -11.17
C SER A 460 -26.37 6.57 -10.65
N MET A 461 -25.07 6.85 -10.63
CA MET A 461 -24.05 5.94 -10.13
C MET A 461 -23.85 5.99 -8.61
N SER A 462 -24.74 6.61 -7.83
CA SER A 462 -24.60 6.62 -6.38
C SER A 462 -24.62 5.21 -5.77
N LEU A 463 -23.59 4.87 -5.01
CA LEU A 463 -23.42 3.60 -4.31
C LEU A 463 -23.97 3.60 -2.89
N ALA A 464 -24.70 4.64 -2.46
CA ALA A 464 -25.22 4.72 -1.11
C ALA A 464 -26.67 5.21 -1.07
N LYS A 465 -27.43 4.73 -0.09
CA LYS A 465 -28.82 5.11 0.15
C LYS A 465 -28.90 5.99 1.38
N LYS A 466 -29.50 7.16 1.24
CA LYS A 466 -29.76 8.12 2.33
C LYS A 466 -31.17 7.92 2.90
N ASP A 467 -31.39 8.53 4.08
CA ASP A 467 -32.65 8.62 4.80
C ASP A 467 -33.23 7.23 5.08
N GLU A 468 -32.47 6.46 5.85
CA GLU A 468 -32.92 5.17 6.36
C GLU A 468 -33.70 5.32 7.66
N LYS A 469 -34.36 6.46 7.84
CA LYS A 469 -35.09 6.90 9.03
C LYS A 469 -34.15 7.25 10.17
N THR A 470 -32.85 7.00 10.04
CA THR A 470 -31.86 7.49 10.98
C THR A 470 -31.00 8.57 10.34
N ASP A 471 -31.36 9.02 9.14
CA ASP A 471 -30.58 10.00 8.39
C ASP A 471 -29.14 9.53 8.22
N THR A 472 -28.98 8.24 7.94
CA THR A 472 -27.69 7.61 7.81
C THR A 472 -27.56 7.00 6.42
N LEU A 473 -26.33 6.94 5.91
CA LEU A 473 -26.01 6.23 4.69
C LEU A 473 -26.02 4.71 4.90
N GLU A 474 -26.67 3.99 4.00
CA GLU A 474 -26.47 2.55 3.77
C GLU A 474 -25.63 2.34 2.54
N ASP A 475 -24.55 1.56 2.66
CA ASP A 475 -23.62 1.28 1.57
C ASP A 475 -24.12 0.10 0.73
N LEU A 476 -24.40 0.30 -0.55
CA LEU A 476 -24.86 -0.75 -1.46
C LEU A 476 -23.70 -1.61 -2.00
N PHE A 477 -22.45 -1.23 -1.75
CA PHE A 477 -21.28 -1.94 -2.26
C PHE A 477 -20.09 -1.80 -1.29
N PRO A 478 -20.20 -2.36 -0.08
CA PRO A 478 -19.18 -2.26 0.96
C PRO A 478 -18.01 -3.19 0.66
N THR A 479 -17.11 -2.75 -0.20
CA THR A 479 -15.99 -3.57 -0.68
C THR A 479 -15.00 -3.99 0.41
N THR A 480 -15.11 -3.56 1.67
CA THR A 480 -14.18 -4.04 2.67
C THR A 480 -14.47 -5.47 3.08
N LYS A 481 -15.64 -6.00 2.73
CA LYS A 481 -16.14 -7.33 3.11
C LYS A 481 -16.01 -8.37 2.00
N ILE A 482 -15.40 -8.03 0.87
CA ILE A 482 -15.27 -8.96 -0.26
C ILE A 482 -13.93 -9.68 -0.14
N PRO A 483 -13.88 -11.01 -0.23
CA PRO A 483 -12.63 -11.74 -0.12
C PRO A 483 -11.81 -11.55 -1.39
N ASN A 484 -10.48 -11.60 -1.27
CA ASN A 484 -9.57 -11.36 -2.38
C ASN A 484 -9.79 -12.40 -3.46
N PRO A 485 -10.09 -12.01 -4.69
CA PRO A 485 -10.41 -13.00 -5.72
C PRO A 485 -9.19 -13.75 -6.25
N ARG A 486 -7.97 -13.24 -6.06
CA ARG A 486 -6.78 -13.95 -6.57
C ARG A 486 -6.61 -15.30 -5.90
N PHE A 487 -6.88 -15.36 -4.59
CA PHE A 487 -6.79 -16.61 -3.86
C PHE A 487 -7.91 -17.56 -4.26
N GLN A 488 -9.13 -17.03 -4.44
CA GLN A 488 -10.24 -17.83 -4.94
C GLN A 488 -9.87 -18.47 -6.28
N ARG A 489 -9.28 -17.72 -7.22
CA ARG A 489 -8.92 -18.29 -8.51
C ARG A 489 -7.83 -19.33 -8.36
N LEU A 490 -6.82 -19.04 -7.53
CA LEU A 490 -5.72 -19.98 -7.34
C LEU A 490 -6.23 -21.31 -6.80
N PHE A 491 -6.99 -21.29 -5.71
CA PHE A 491 -7.43 -22.53 -5.11
C PHE A 491 -8.40 -23.26 -6.02
N GLN A 492 -9.24 -22.53 -6.76
CA GLN A 492 -10.15 -23.21 -7.68
C GLN A 492 -9.38 -23.96 -8.74
N CYS A 493 -8.38 -23.31 -9.34
CA CYS A 493 -7.60 -23.99 -10.38
C CYS A 493 -6.85 -25.17 -9.80
N LEU A 494 -6.27 -25.02 -8.60
CA LEU A 494 -5.54 -26.13 -8.01
C LEU A 494 -6.45 -27.33 -7.79
N LEU A 495 -7.65 -27.08 -7.24
CA LEU A 495 -8.59 -28.17 -7.02
C LEU A 495 -8.95 -28.84 -8.33
N HIS A 496 -9.21 -28.04 -9.36
CA HIS A 496 -9.60 -28.63 -10.64
C HIS A 496 -8.50 -29.51 -11.20
N ARG A 497 -7.26 -29.04 -11.14
CA ARG A 497 -6.17 -29.86 -11.65
C ARG A 497 -6.04 -31.14 -10.85
N ALA A 498 -6.14 -31.05 -9.52
CA ALA A 498 -5.95 -32.23 -8.69
C ALA A 498 -7.02 -33.27 -8.97
N LEU A 499 -8.26 -32.85 -9.10
CA LEU A 499 -9.33 -33.80 -9.36
C LEU A 499 -9.34 -34.29 -10.79
N HIS A 500 -8.77 -33.52 -11.72
CA HIS A 500 -8.80 -33.87 -13.14
C HIS A 500 -7.49 -33.41 -13.78
N PRO A 501 -6.55 -34.30 -13.98
CA PRO A 501 -5.25 -33.89 -14.52
C PRO A 501 -5.28 -33.62 -16.01
N ARG A 502 -6.17 -34.30 -16.73
CA ARG A 502 -6.14 -34.24 -18.18
C ARG A 502 -6.76 -32.94 -18.71
N GLU A 503 -7.89 -32.54 -18.16
CA GLU A 503 -8.59 -31.38 -18.67
C GLU A 503 -7.80 -30.10 -18.43
N PRO A 504 -7.97 -29.10 -19.30
CA PRO A 504 -7.30 -27.81 -19.07
C PRO A 504 -7.95 -27.01 -17.97
N LEU A 505 -7.40 -25.83 -17.68
CA LEU A 505 -7.90 -25.03 -16.58
C LEU A 505 -9.32 -24.54 -16.89
N PRO A 506 -10.21 -24.57 -15.91
CA PRO A 506 -11.57 -24.07 -16.13
C PRO A 506 -11.59 -22.56 -16.14
N PRO A 507 -12.60 -21.96 -16.75
CA PRO A 507 -12.73 -20.50 -16.72
C PRO A 507 -13.18 -20.03 -15.35
N ILE A 508 -13.16 -18.70 -15.18
CA ILE A 508 -13.53 -18.10 -13.90
C ILE A 508 -15.00 -18.32 -13.64
N GLN A 509 -15.38 -18.30 -12.35
CA GLN A 509 -16.75 -18.61 -11.96
C GLN A 509 -17.67 -17.41 -12.05
N GLN A 510 -18.87 -17.66 -12.59
CA GLN A 510 -19.84 -16.59 -12.78
C GLN A 510 -20.27 -15.97 -11.47
N HIS A 511 -20.38 -16.76 -10.41
CA HIS A 511 -20.73 -16.16 -9.13
C HIS A 511 -19.62 -15.26 -8.64
N ILE A 512 -18.37 -15.62 -8.93
CA ILE A 512 -17.25 -14.74 -8.62
C ILE A 512 -17.41 -13.41 -9.36
N TRP A 513 -17.73 -13.49 -10.65
CA TRP A 513 -17.93 -12.26 -11.41
C TRP A 513 -19.06 -11.43 -10.82
N ASN A 514 -20.17 -12.09 -10.46
CA ASN A 514 -21.31 -11.36 -9.93
C ASN A 514 -20.95 -10.66 -8.63
N MET A 515 -20.17 -11.33 -7.78
CA MET A 515 -19.80 -10.69 -6.52
C MET A 515 -18.85 -9.52 -6.76
N LEU A 516 -18.01 -9.56 -7.80
CA LEU A 516 -17.11 -8.44 -8.14
C LEU A 516 -17.77 -7.27 -8.89
N ASN A 517 -18.89 -7.48 -9.59
CA ASN A 517 -19.68 -6.39 -10.17
C ASN A 517 -20.57 -5.69 -9.12
N PRO A 518 -20.99 -4.44 -9.36
CA PRO A 518 -21.91 -3.73 -8.47
C PRO A 518 -23.34 -4.25 -8.64
N PRO A 519 -24.29 -3.86 -7.77
CA PRO A 519 -25.69 -4.22 -7.89
C PRO A 519 -26.34 -3.91 -9.25
N ALA A 520 -27.22 -4.80 -9.71
CA ALA A 520 -27.87 -4.69 -11.00
C ALA A 520 -28.79 -3.49 -11.06
N GLU A 521 -29.31 -3.03 -9.93
CA GLU A 521 -30.15 -1.83 -9.95
C GLU A 521 -29.38 -0.64 -10.47
N VAL A 522 -28.17 -0.43 -9.93
CA VAL A 522 -27.27 0.66 -10.37
C VAL A 522 -26.90 0.43 -11.82
N THR A 523 -26.62 -0.83 -12.20
CA THR A 523 -26.28 -1.12 -13.59
C THR A 523 -27.41 -0.70 -14.53
N THR A 524 -28.66 -0.95 -14.14
CA THR A 524 -29.78 -0.58 -14.99
C THR A 524 -29.99 0.92 -15.00
N LYS A 525 -29.88 1.61 -13.85
CA LYS A 525 -30.07 3.07 -13.77
C LYS A 525 -28.99 3.85 -14.51
N SER A 526 -27.80 3.29 -14.66
CA SER A 526 -26.71 3.91 -15.41
C SER A 526 -27.04 4.19 -16.89
N GLN A 527 -28.06 3.52 -17.46
CA GLN A 527 -28.15 3.40 -18.91
C GLN A 527 -28.37 4.77 -19.57
N ILE A 528 -29.49 5.42 -19.25
CA ILE A 528 -29.85 6.64 -19.96
C ILE A 528 -28.82 7.75 -19.81
N PRO A 529 -28.29 8.06 -18.61
CA PRO A 529 -27.24 9.07 -18.45
C PRO A 529 -26.00 8.77 -19.30
N LEU A 530 -25.62 7.49 -19.44
CA LEU A 530 -24.50 7.14 -20.31
C LEU A 530 -24.81 7.48 -21.77
N SER A 531 -26.02 7.23 -22.25
CA SER A 531 -26.38 7.65 -23.60
C SER A 531 -26.30 9.16 -23.74
N LYS A 532 -26.81 9.87 -22.74
CA LYS A 532 -26.81 11.33 -22.78
C LYS A 532 -25.38 11.87 -22.87
N ILE A 533 -24.49 11.39 -22.00
CA ILE A 533 -23.12 11.90 -21.94
C ILE A 533 -22.36 11.52 -23.21
N LYS A 534 -22.59 10.31 -23.78
CA LYS A 534 -21.96 9.95 -25.04
C LYS A 534 -22.41 10.87 -26.16
N THR A 535 -23.70 11.20 -26.20
CA THR A 535 -24.18 12.11 -27.22
C THR A 535 -23.56 13.50 -27.05
N LEU A 536 -23.44 14.01 -25.82
CA LEU A 536 -22.95 15.38 -25.60
C LEU A 536 -21.45 15.55 -25.89
N PHE A 537 -20.57 14.77 -25.28
CA PHE A 537 -19.12 14.99 -25.38
C PHE A 537 -18.50 14.38 -26.65
N PRO A 538 -17.77 15.15 -27.47
CA PRO A 538 -17.03 14.61 -28.61
C PRO A 538 -15.68 14.03 -28.15
N LEU A 539 -15.42 12.78 -28.47
CA LEU A 539 -14.15 12.07 -28.20
C LEU A 539 -13.60 11.48 -29.48
N ILE A 540 -12.29 11.55 -29.68
CA ILE A 540 -11.62 10.97 -30.84
C ILE A 540 -10.16 10.63 -30.51
N GLU A 541 -9.62 9.58 -31.11
CA GLU A 541 -8.24 9.13 -30.88
C GLU A 541 -7.22 9.84 -31.77
N ALA A 542 -5.96 9.88 -31.33
CA ALA A 542 -4.86 10.46 -32.08
C ALA A 542 -4.63 9.79 -33.44
N ARG B 35 18.31 10.97 -21.14
CA ARG B 35 19.01 11.86 -20.19
C ARG B 35 19.06 13.30 -20.69
N ASP B 36 18.96 14.28 -19.82
CA ASP B 36 18.92 15.71 -20.15
C ASP B 36 20.23 16.44 -19.86
N SER B 37 20.24 17.77 -19.96
CA SER B 37 21.35 18.62 -19.54
C SER B 37 20.89 20.03 -19.15
N LEU B 38 21.53 20.61 -18.12
CA LEU B 38 21.13 21.89 -17.50
C LEU B 38 22.32 22.81 -17.19
N ILE B 39 22.16 24.12 -17.41
CA ILE B 39 23.22 25.12 -17.22
C ILE B 39 22.75 26.25 -16.31
N PHE B 40 23.59 26.63 -15.34
CA PHE B 40 23.33 27.70 -14.36
C PHE B 40 24.12 28.98 -14.65
N LEU B 41 23.45 30.13 -14.61
CA LEU B 41 24.03 31.45 -14.92
C LEU B 41 24.05 32.31 -13.67
N VAL B 42 25.21 32.83 -13.29
CA VAL B 42 25.37 33.58 -12.04
C VAL B 42 26.03 34.94 -12.25
N ASP B 43 25.44 35.95 -11.65
CA ASP B 43 25.78 37.36 -11.81
C ASP B 43 26.98 37.79 -10.96
N ALA B 44 27.97 38.44 -11.50
CA ALA B 44 29.11 38.99 -10.79
C ALA B 44 28.94 40.45 -10.34
N SER B 45 27.80 41.08 -10.54
CA SER B 45 27.55 42.49 -10.22
C SER B 45 27.69 42.81 -8.73
N LYS B 46 28.14 44.01 -8.39
CA LYS B 46 28.47 44.42 -7.01
C LYS B 46 27.33 44.19 -6.01
N ALA B 47 26.10 44.45 -6.42
CA ALA B 47 24.90 44.27 -5.61
C ALA B 47 24.67 42.84 -5.11
N MET B 48 25.24 41.84 -5.78
CA MET B 48 25.08 40.44 -5.40
C MET B 48 25.71 40.09 -4.05
N PHE B 49 26.57 40.96 -3.54
CA PHE B 49 27.31 40.79 -2.30
C PHE B 49 26.78 41.65 -1.15
N GLU B 50 25.50 42.05 -1.19
CA GLU B 50 24.86 42.95 -0.22
C GLU B 50 23.65 42.29 0.47
N SER B 51 23.39 42.63 1.73
CA SER B 51 22.22 42.14 2.48
C SER B 51 20.91 42.78 2.04
N ASP B 55 20.66 40.87 8.12
CA ASP B 55 20.34 39.59 8.74
C ASP B 55 20.20 38.50 7.70
N GLU B 56 19.84 38.86 6.47
CA GLU B 56 19.70 37.93 5.36
C GLU B 56 21.05 37.64 4.69
N LEU B 57 21.24 36.42 4.18
CA LEU B 57 22.44 36.05 3.44
C LEU B 57 22.62 36.93 2.20
N THR B 58 23.85 37.19 1.76
CA THR B 58 24.02 37.78 0.43
C THR B 58 23.42 36.89 -0.65
N PRO B 59 22.79 37.45 -1.70
CA PRO B 59 22.18 36.63 -2.74
C PRO B 59 23.22 35.79 -3.48
N PHE B 60 24.48 36.22 -3.55
CA PHE B 60 25.55 35.36 -4.06
C PHE B 60 25.70 34.09 -3.23
N ASP B 61 25.95 34.20 -1.92
CA ASP B 61 26.12 33.02 -1.08
C ASP B 61 24.85 32.18 -1.03
N MET B 62 23.68 32.83 -1.05
CA MET B 62 22.40 32.15 -1.18
C MET B 62 22.41 31.26 -2.42
N SER B 63 22.85 31.80 -3.55
CA SER B 63 22.93 31.04 -4.79
C SER B 63 23.86 29.86 -4.64
N ILE B 64 25.02 30.07 -4.02
CA ILE B 64 25.99 29.00 -3.87
C ILE B 64 25.42 27.87 -3.02
N GLN B 65 24.73 28.21 -1.93
CA GLN B 65 24.15 27.21 -1.04
C GLN B 65 23.04 26.45 -1.75
N CYS B 66 22.21 27.15 -2.53
CA CYS B 66 21.19 26.50 -3.32
C CYS B 66 21.80 25.51 -4.31
N ILE B 67 22.87 25.89 -4.98
CA ILE B 67 23.51 25.04 -5.97
C ILE B 67 24.14 23.82 -5.30
N GLN B 68 24.71 24.00 -4.11
CA GLN B 68 25.24 22.86 -3.37
C GLN B 68 24.14 21.87 -3.07
N SER B 69 23.01 22.38 -2.60
CA SER B 69 21.92 21.54 -2.18
C SER B 69 21.34 20.77 -3.36
N VAL B 70 21.22 21.38 -4.53
CA VAL B 70 20.73 20.65 -5.70
C VAL B 70 21.76 19.65 -6.18
N TYR B 71 23.06 19.95 -6.19
CA TYR B 71 24.05 18.92 -6.54
C TYR B 71 23.90 17.71 -5.63
N ILE B 72 23.81 17.91 -4.32
CA ILE B 72 23.69 16.79 -3.37
C ILE B 72 22.44 16.00 -3.68
N SER B 73 21.35 16.73 -3.94
CA SER B 73 20.05 16.18 -4.31
C SER B 73 20.15 15.31 -5.55
N LYS B 74 20.85 15.75 -6.59
CA LYS B 74 21.07 14.92 -7.79
C LYS B 74 21.88 13.68 -7.44
N ILE B 75 22.90 13.80 -6.59
CA ILE B 75 23.71 12.64 -6.24
C ILE B 75 22.86 11.61 -5.51
N ILE B 76 22.06 12.06 -4.55
CA ILE B 76 21.28 11.14 -3.72
C ILE B 76 20.24 10.43 -4.57
N SER B 77 19.82 10.99 -5.70
CA SER B 77 18.84 10.34 -6.59
C SER B 77 19.47 9.30 -7.52
N SER B 78 20.81 9.28 -7.63
CA SER B 78 21.58 8.57 -8.66
C SER B 78 21.27 8.95 -10.12
N ASP B 79 20.59 10.07 -10.34
CA ASP B 79 20.24 10.57 -11.67
C ASP B 79 21.48 10.89 -12.55
N ARG B 80 21.30 10.85 -13.86
CA ARG B 80 22.34 10.82 -14.89
C ARG B 80 22.49 12.14 -15.63
N ASP B 81 21.84 13.21 -15.17
CA ASP B 81 21.89 14.48 -15.88
C ASP B 81 23.24 15.16 -15.70
N LEU B 82 23.60 16.04 -16.64
CA LEU B 82 24.86 16.78 -16.71
C LEU B 82 24.68 18.25 -16.27
N LEU B 83 25.44 18.70 -15.28
CA LEU B 83 25.34 20.04 -14.73
C LEU B 83 26.56 20.86 -15.10
N ALA B 84 26.41 22.19 -15.10
CA ALA B 84 27.46 23.13 -15.46
C ALA B 84 27.23 24.47 -14.76
N VAL B 85 28.32 25.19 -14.46
CA VAL B 85 28.26 26.46 -13.73
C VAL B 85 29.16 27.48 -14.41
N VAL B 86 28.61 28.66 -14.66
CA VAL B 86 29.31 29.75 -15.35
C VAL B 86 28.86 31.11 -14.82
N PHE B 87 29.78 32.06 -14.79
CA PHE B 87 29.58 33.41 -14.26
C PHE B 87 29.72 34.46 -15.36
N TYR B 88 29.02 35.59 -15.22
CA TYR B 88 29.03 36.70 -16.18
C TYR B 88 29.27 38.05 -15.51
N GLY B 89 29.84 39.01 -16.24
CA GLY B 89 30.35 40.27 -15.67
C GLY B 89 31.67 40.09 -14.92
N THR B 90 32.42 39.06 -15.27
CA THR B 90 33.59 38.59 -14.53
C THR B 90 34.80 39.50 -14.79
N GLU B 91 35.64 39.75 -13.81
CA GLU B 91 36.79 40.66 -13.95
C GLU B 91 37.96 39.96 -14.65
N LYS B 92 38.45 38.85 -14.09
CA LYS B 92 39.15 37.79 -14.85
C LYS B 92 38.12 37.01 -15.67
N ASP B 93 38.51 36.31 -16.74
CA ASP B 93 37.57 35.52 -17.57
C ASP B 93 38.23 34.26 -18.17
N LYS B 94 37.40 33.26 -18.50
CA LYS B 94 37.81 31.96 -19.03
C LYS B 94 36.62 31.22 -19.64
N ASN B 95 36.67 30.95 -20.94
CA ASN B 95 35.62 30.23 -21.68
C ASN B 95 36.14 29.78 -23.06
N SER B 96 35.42 28.86 -23.70
CA SER B 96 35.83 28.17 -24.93
C SER B 96 36.18 29.12 -26.09
N VAL B 97 35.38 30.16 -26.30
CA VAL B 97 35.51 31.13 -27.41
C VAL B 97 36.33 32.38 -27.04
N ASN B 98 36.85 32.46 -25.82
CA ASN B 98 37.62 33.60 -25.31
C ASN B 98 36.87 34.94 -25.31
N PHE B 99 35.54 34.93 -25.22
CA PHE B 99 34.76 36.16 -25.01
C PHE B 99 35.05 36.74 -23.62
N LYS B 100 35.01 38.07 -23.49
CA LYS B 100 35.41 38.73 -22.24
C LYS B 100 34.33 38.64 -21.15
N ASN B 101 34.76 38.76 -19.90
CA ASN B 101 33.90 38.88 -18.71
C ASN B 101 32.93 37.72 -18.47
N ILE B 102 33.31 36.52 -18.92
CA ILE B 102 32.56 35.28 -18.74
C ILE B 102 33.52 34.19 -18.25
N TYR B 103 33.11 33.42 -17.24
CA TYR B 103 33.95 32.42 -16.60
C TYR B 103 33.20 31.12 -16.39
N VAL B 104 33.48 30.11 -17.22
CA VAL B 104 33.01 28.75 -16.97
C VAL B 104 33.81 28.14 -15.83
N LEU B 105 33.16 27.82 -14.73
CA LEU B 105 33.77 27.10 -13.62
C LEU B 105 33.73 25.58 -13.84
N GLN B 106 32.61 25.06 -14.32
CA GLN B 106 32.42 23.65 -14.62
C GLN B 106 31.74 23.46 -15.98
N GLU B 107 32.33 22.60 -16.82
CA GLU B 107 31.69 22.11 -18.03
C GLU B 107 30.58 21.10 -17.73
N LEU B 108 29.85 20.73 -18.78
CA LEU B 108 28.61 19.99 -18.71
C LEU B 108 28.87 18.50 -18.42
N ASP B 109 28.71 18.06 -17.18
CA ASP B 109 29.08 16.69 -16.77
C ASP B 109 28.30 16.18 -15.54
N ASN B 110 28.32 14.88 -15.31
CA ASN B 110 27.73 14.23 -14.15
C ASN B 110 28.29 14.84 -12.86
N PRO B 111 27.54 14.85 -11.75
CA PRO B 111 28.09 15.37 -10.49
C PRO B 111 29.25 14.54 -9.98
N GLY B 112 30.19 15.22 -9.34
CA GLY B 112 31.33 14.56 -8.75
C GLY B 112 31.67 15.18 -7.42
N ALA B 113 32.30 14.37 -6.56
CA ALA B 113 32.76 14.74 -5.22
C ALA B 113 33.79 15.87 -5.27
N LYS B 114 34.80 15.74 -6.13
CA LYS B 114 35.79 16.79 -6.38
C LYS B 114 35.10 18.08 -6.82
N ARG B 115 34.10 17.98 -7.69
CA ARG B 115 33.38 19.17 -8.15
C ARG B 115 32.65 19.85 -7.01
N ILE B 116 31.90 19.10 -6.20
CA ILE B 116 31.16 19.76 -5.11
C ILE B 116 32.13 20.34 -4.07
N LEU B 117 33.27 19.69 -3.81
CA LEU B 117 34.28 20.27 -2.94
C LEU B 117 34.83 21.60 -3.49
N GLU B 118 35.20 21.61 -4.76
CA GLU B 118 35.67 22.81 -5.46
C GLU B 118 34.62 23.90 -5.48
N LEU B 119 33.35 23.56 -5.66
CA LEU B 119 32.29 24.54 -5.61
C LEU B 119 32.11 25.09 -4.20
N ASP B 120 32.21 24.22 -3.18
CA ASP B 120 32.08 24.65 -1.81
C ASP B 120 33.22 25.54 -1.36
N GLN B 121 34.29 25.62 -2.14
CA GLN B 121 35.40 26.49 -1.79
C GLN B 121 34.99 27.97 -1.68
N PHE B 122 33.86 28.37 -2.26
CA PHE B 122 33.39 29.76 -2.28
C PHE B 122 32.21 30.02 -1.34
N LYS B 123 32.12 29.31 -0.21
CA LYS B 123 30.97 29.40 0.67
C LYS B 123 31.21 30.44 1.76
N GLY B 124 30.13 31.09 2.17
CA GLY B 124 30.24 32.04 3.25
C GLY B 124 31.05 33.27 2.88
N GLN B 125 31.29 34.09 3.90
CA GLN B 125 32.05 35.32 3.69
C GLN B 125 33.48 35.02 3.27
N GLN B 126 34.10 34.01 3.89
CA GLN B 126 35.47 33.67 3.54
C GLN B 126 35.57 33.19 2.09
N GLY B 127 34.62 32.36 1.65
CA GLY B 127 34.60 31.95 0.27
C GLY B 127 34.33 33.10 -0.68
N GLN B 128 33.45 34.02 -0.29
CA GLN B 128 33.14 35.21 -1.07
C GLN B 128 34.41 36.03 -1.28
N LYS B 129 35.16 36.29 -0.20
CA LYS B 129 36.43 36.99 -0.26
C LYS B 129 37.41 36.23 -1.17
N ARG B 130 37.53 34.91 -0.99
CA ARG B 130 38.37 34.04 -1.82
C ARG B 130 38.02 34.15 -3.30
N PHE B 131 36.73 34.12 -3.64
CA PHE B 131 36.22 34.27 -5.00
C PHE B 131 36.60 35.63 -5.58
N GLN B 132 36.28 36.70 -4.85
CA GLN B 132 36.59 38.07 -5.26
C GLN B 132 38.09 38.31 -5.38
N ASP B 133 38.93 37.65 -4.57
CA ASP B 133 40.38 37.73 -4.71
C ASP B 133 40.88 36.98 -5.93
N MET B 134 40.44 35.73 -6.14
CA MET B 134 40.95 34.89 -7.22
C MET B 134 40.38 35.26 -8.60
N MET B 135 39.25 35.97 -8.67
CA MET B 135 38.60 36.36 -9.93
C MET B 135 38.41 37.87 -10.09
N GLY B 136 38.14 38.59 -9.00
CA GLY B 136 37.55 39.94 -9.04
C GLY B 136 36.03 39.90 -9.19
N HIS B 137 35.36 41.03 -9.48
CA HIS B 137 33.90 41.10 -9.68
C HIS B 137 33.44 42.42 -10.29
N GLY B 138 32.20 42.47 -10.77
CA GLY B 138 31.51 43.71 -11.16
C GLY B 138 31.99 44.40 -12.44
N SER B 139 32.51 43.65 -13.41
CA SER B 139 32.84 44.19 -14.74
C SER B 139 31.65 44.21 -15.69
N ASP B 140 31.73 45.03 -16.74
CA ASP B 140 30.76 45.05 -17.85
C ASP B 140 30.75 43.71 -18.63
N TYR B 141 29.70 43.46 -19.40
CA TYR B 141 29.50 42.26 -20.22
C TYR B 141 28.42 42.52 -21.29
N SER B 142 28.31 41.65 -22.29
CA SER B 142 27.11 41.56 -23.12
C SER B 142 26.40 40.24 -22.86
N LEU B 143 25.12 40.30 -22.49
CA LEU B 143 24.33 39.09 -22.30
C LEU B 143 24.09 38.33 -23.60
N SER B 144 24.17 38.99 -24.76
CA SER B 144 24.16 38.32 -26.05
C SER B 144 25.33 37.35 -26.17
N GLU B 145 26.54 37.79 -25.82
CA GLU B 145 27.68 36.88 -25.77
C GLU B 145 27.52 35.79 -24.73
N VAL B 146 27.02 36.11 -23.53
CA VAL B 146 26.73 35.10 -22.50
C VAL B 146 25.86 34.01 -23.09
N LEU B 147 24.77 34.39 -23.76
CA LEU B 147 23.87 33.37 -24.27
C LEU B 147 24.50 32.60 -25.41
N TRP B 148 25.34 33.24 -26.22
CA TRP B 148 26.08 32.55 -27.28
C TRP B 148 27.09 31.53 -26.72
N VAL B 149 27.84 31.90 -25.68
CA VAL B 149 28.74 30.95 -24.98
C VAL B 149 27.94 29.79 -24.45
N CYS B 150 26.77 30.07 -23.89
CA CYS B 150 25.96 29.03 -23.29
C CYS B 150 25.48 28.01 -24.34
N ALA B 151 25.03 28.50 -25.49
CA ALA B 151 24.70 27.64 -26.61
C ALA B 151 25.91 26.83 -27.07
N ASN B 152 27.11 27.41 -27.07
CA ASN B 152 28.30 26.63 -27.36
C ASN B 152 28.47 25.46 -26.38
N LEU B 153 28.20 25.63 -25.09
CA LEU B 153 28.30 24.55 -24.13
C LEU B 153 27.34 23.40 -24.46
N PHE B 154 26.09 23.69 -24.82
CA PHE B 154 25.21 22.64 -25.33
C PHE B 154 25.71 22.04 -26.62
N SER B 155 26.28 22.84 -27.51
CA SER B 155 26.81 22.39 -28.79
C SER B 155 27.98 21.41 -28.62
N ASP B 156 28.76 21.59 -27.56
CA ASP B 156 29.93 20.78 -27.23
C ASP B 156 29.61 19.44 -26.53
N VAL B 157 28.34 19.22 -26.14
CA VAL B 157 27.92 17.98 -25.47
C VAL B 157 28.06 16.74 -26.37
N GLN B 158 28.47 15.61 -25.79
CA GLN B 158 28.43 14.29 -26.43
C GLN B 158 27.08 13.57 -26.22
N PHE B 159 26.82 12.52 -27.01
CA PHE B 159 25.74 11.53 -26.85
C PHE B 159 24.29 12.08 -26.72
N LYS B 160 24.02 13.27 -27.25
CA LYS B 160 22.68 13.79 -27.53
C LYS B 160 21.68 13.74 -26.36
N MET B 161 21.87 14.58 -25.34
CA MET B 161 20.90 14.75 -24.26
C MET B 161 19.56 15.31 -24.78
N SER B 162 18.44 14.82 -24.24
CA SER B 162 17.10 15.03 -24.78
C SER B 162 16.59 16.47 -24.59
N HIS B 163 16.53 16.97 -23.35
CA HIS B 163 16.15 18.35 -23.06
C HIS B 163 17.32 19.20 -22.59
N LYS B 164 17.42 20.39 -23.16
CA LYS B 164 18.49 21.37 -22.93
C LYS B 164 17.88 22.58 -22.24
N ARG B 165 18.31 22.91 -21.02
CA ARG B 165 17.75 24.05 -20.28
C ARG B 165 18.77 24.92 -19.58
N ILE B 166 18.37 26.16 -19.34
CA ILE B 166 19.20 27.25 -18.81
C ILE B 166 18.47 27.90 -17.64
N MET B 167 19.18 28.20 -16.56
CA MET B 167 18.58 28.83 -15.37
C MET B 167 19.37 30.07 -14.95
N LEU B 168 18.68 31.20 -14.74
CA LEU B 168 19.34 32.48 -14.49
C LEU B 168 19.16 32.95 -13.05
N PHE B 169 20.28 33.35 -12.44
CA PHE B 169 20.33 33.97 -11.12
C PHE B 169 20.82 35.43 -11.26
N THR B 170 20.00 36.36 -10.80
CA THR B 170 20.29 37.79 -10.62
C THR B 170 19.18 38.49 -9.88
N ASN B 171 19.41 39.68 -9.34
CA ASN B 171 18.36 40.61 -8.97
C ASN B 171 18.37 41.91 -9.80
N GLU B 172 19.14 42.01 -10.88
CA GLU B 172 19.17 43.18 -11.75
C GLU B 172 18.09 43.11 -12.82
N ASP B 173 17.06 43.94 -12.72
CA ASP B 173 16.09 44.17 -13.79
C ASP B 173 16.61 45.17 -14.84
N ASN B 174 16.33 44.88 -16.11
CA ASN B 174 16.81 45.63 -17.28
C ASN B 174 18.31 46.04 -17.22
N PRO B 175 19.23 45.07 -17.23
CA PRO B 175 20.66 45.36 -17.08
C PRO B 175 21.21 46.29 -18.17
N HIS B 176 20.66 46.23 -19.39
CA HIS B 176 21.08 47.04 -20.53
C HIS B 176 20.08 48.14 -20.87
N GLY B 177 19.41 48.71 -19.86
CA GLY B 177 18.56 49.89 -20.05
C GLY B 177 19.29 51.12 -20.59
N ASN B 178 20.62 51.17 -20.42
CA ASN B 178 21.52 52.16 -21.01
C ASN B 178 21.96 51.85 -22.45
N ASP B 179 21.68 50.65 -22.99
CA ASP B 179 22.19 50.22 -24.30
C ASP B 179 21.18 49.36 -25.08
N SER B 180 20.36 50.04 -25.86
CA SER B 180 19.37 49.40 -26.75
C SER B 180 20.01 48.55 -27.84
N ALA B 181 21.26 48.80 -28.24
CA ALA B 181 21.93 47.95 -29.22
C ALA B 181 22.30 46.59 -28.61
N LYS B 182 22.85 46.57 -27.39
CA LYS B 182 23.05 45.33 -26.61
C LYS B 182 21.73 44.64 -26.35
N ALA B 183 20.71 45.37 -25.90
CA ALA B 183 19.40 44.77 -25.64
C ALA B 183 18.79 44.14 -26.90
N SER B 184 18.76 44.85 -28.02
CA SER B 184 18.15 44.36 -29.26
C SER B 184 18.93 43.19 -29.86
N ARG B 185 20.27 43.21 -29.87
CA ARG B 185 21.03 42.05 -30.36
C ARG B 185 20.85 40.84 -29.44
N ALA B 186 20.76 41.05 -28.13
CA ALA B 186 20.46 39.98 -27.18
C ALA B 186 19.06 39.41 -27.36
N ARG B 187 18.04 40.25 -27.52
CA ARG B 187 16.67 39.84 -27.85
C ARG B 187 16.63 39.01 -29.13
N THR B 188 17.35 39.46 -30.15
CA THR B 188 17.50 38.74 -31.43
C THR B 188 18.13 37.36 -31.20
N LYS B 189 19.26 37.30 -30.47
CA LYS B 189 19.95 36.04 -30.17
C LYS B 189 19.07 35.11 -29.35
N ALA B 190 18.40 35.61 -28.33
CA ALA B 190 17.48 34.83 -27.51
C ALA B 190 16.34 34.23 -28.35
N GLY B 191 15.80 34.99 -29.30
CA GLY B 191 14.82 34.42 -30.22
C GLY B 191 15.40 33.27 -31.01
N ASP B 192 16.63 33.42 -31.48
CA ASP B 192 17.28 32.34 -32.22
C ASP B 192 17.43 31.10 -31.34
N LEU B 193 17.84 31.28 -30.10
CA LEU B 193 17.97 30.14 -29.19
C LEU B 193 16.62 29.50 -28.94
N ARG B 194 15.55 30.28 -28.79
CA ARG B 194 14.23 29.72 -28.58
C ARG B 194 13.74 28.99 -29.84
N ASP B 195 14.11 29.44 -31.04
CA ASP B 195 13.84 28.64 -32.24
C ASP B 195 14.64 27.36 -32.21
N THR B 196 15.84 27.40 -31.64
CA THR B 196 16.69 26.23 -31.38
C THR B 196 16.12 25.28 -30.31
N GLY B 197 15.07 25.70 -29.60
CA GLY B 197 14.31 24.89 -28.65
C GLY B 197 14.94 24.75 -27.27
N ILE B 198 16.00 25.51 -26.97
CA ILE B 198 16.64 25.51 -25.65
C ILE B 198 15.78 26.32 -24.68
N PHE B 199 15.37 25.74 -23.55
CA PHE B 199 14.58 26.46 -22.55
C PHE B 199 15.48 27.39 -21.72
N LEU B 200 14.95 28.54 -21.32
CA LEU B 200 15.60 29.45 -20.39
C LEU B 200 14.58 30.16 -19.48
N ASP B 201 14.95 30.33 -18.21
CA ASP B 201 14.08 30.87 -17.16
C ASP B 201 14.88 31.64 -16.08
N LEU B 202 14.23 32.56 -15.36
CA LEU B 202 14.85 33.48 -14.43
C LEU B 202 14.32 33.31 -13.00
N MET B 203 15.23 32.91 -12.11
CA MET B 203 15.06 32.92 -10.66
C MET B 203 15.46 34.30 -10.12
N HIS B 204 14.62 35.30 -10.34
CA HIS B 204 14.88 36.65 -9.86
C HIS B 204 14.94 36.66 -8.32
N LEU B 205 16.06 37.12 -7.78
CA LEU B 205 16.26 37.26 -6.33
C LEU B 205 15.75 38.60 -5.83
N LYS B 206 15.54 38.73 -4.51
CA LYS B 206 15.10 39.97 -3.86
C LYS B 206 15.94 41.17 -4.31
N LYS B 207 15.28 42.30 -4.56
CA LYS B 207 15.91 43.56 -4.97
C LYS B 207 15.39 44.71 -4.09
N PRO B 208 16.24 45.65 -3.63
CA PRO B 208 15.71 46.89 -3.04
C PRO B 208 14.87 47.64 -4.06
N GLY B 209 13.70 48.10 -3.63
CA GLY B 209 12.76 48.72 -4.53
C GLY B 209 11.92 47.77 -5.33
N GLY B 210 12.08 46.45 -5.15
CA GLY B 210 11.33 45.40 -5.84
C GLY B 210 11.77 45.17 -7.29
N PHE B 211 11.83 43.91 -7.71
CA PHE B 211 12.14 43.52 -9.08
C PHE B 211 10.90 43.65 -9.98
N ASP B 212 11.04 44.13 -11.22
CA ASP B 212 9.96 44.16 -12.22
C ASP B 212 10.28 43.31 -13.47
N ILE B 213 9.37 42.37 -13.74
CA ILE B 213 9.41 41.45 -14.87
C ILE B 213 9.09 42.16 -16.19
N SER B 214 8.23 43.17 -16.19
CA SER B 214 7.80 43.83 -17.42
C SER B 214 8.93 44.61 -18.07
N LEU B 215 9.90 45.10 -17.30
CA LEU B 215 10.98 45.93 -17.84
C LEU B 215 11.90 45.18 -18.80
N PHE B 216 12.23 43.93 -18.48
CA PHE B 216 13.15 43.09 -19.25
C PHE B 216 12.99 41.62 -18.88
N TYR B 217 13.63 40.71 -19.62
CA TYR B 217 13.54 39.26 -19.50
C TYR B 217 12.19 38.66 -19.89
N ARG B 218 11.07 39.33 -19.61
CA ARG B 218 9.72 38.90 -20.04
C ARG B 218 9.68 38.54 -21.53
N ASP B 219 10.30 39.36 -22.34
CA ASP B 219 10.32 39.22 -23.79
C ASP B 219 11.37 38.20 -24.30
N ILE B 220 12.09 37.55 -23.38
CA ILE B 220 13.32 36.81 -23.62
C ILE B 220 13.21 35.37 -23.11
N ILE B 221 12.62 35.14 -21.94
CA ILE B 221 12.46 33.80 -21.36
C ILE B 221 11.64 32.86 -22.25
N SER B 222 11.85 31.56 -22.07
CA SER B 222 10.96 30.55 -22.62
C SER B 222 9.65 30.57 -21.82
N ILE B 223 8.58 30.95 -22.49
CA ILE B 223 7.23 31.06 -21.93
C ILE B 223 6.58 29.67 -21.79
N ALA B 224 5.41 29.63 -21.17
CA ALA B 224 4.52 28.48 -21.14
C ALA B 224 3.06 28.93 -21.15
N GLU B 225 2.14 28.09 -21.60
CA GLU B 225 0.70 28.41 -21.60
C GLU B 225 0.09 28.41 -20.18
N ASP B 226 -0.85 29.30 -19.92
CA ASP B 226 -1.58 29.39 -18.66
C ASP B 226 -2.54 28.21 -18.47
N ARG B 230 1.82 35.89 -17.57
CA ARG B 230 1.54 34.64 -16.89
C ARG B 230 1.91 34.66 -15.41
N VAL B 231 1.28 33.74 -14.68
CA VAL B 231 1.50 33.45 -13.27
C VAL B 231 2.92 32.95 -13.08
N HIS B 232 3.62 33.56 -12.14
CA HIS B 232 5.05 33.41 -11.98
C HIS B 232 5.42 33.67 -10.52
N PHE B 233 6.52 33.09 -10.07
CA PHE B 233 6.96 33.25 -8.69
C PHE B 233 7.35 34.70 -8.38
N GLU B 234 7.07 35.18 -7.17
CA GLU B 234 7.67 36.42 -6.67
C GLU B 234 9.18 36.27 -6.49
N GLU B 235 9.86 37.39 -6.34
CA GLU B 235 11.28 37.43 -6.03
C GLU B 235 11.58 36.66 -4.73
N SER B 236 12.71 35.96 -4.67
CA SER B 236 13.04 35.11 -3.53
C SER B 236 13.93 35.82 -2.52
N SER B 237 13.62 35.67 -1.25
CA SER B 237 14.33 36.30 -0.12
C SER B 237 14.88 35.31 0.91
N LYS B 238 14.56 34.02 0.80
CA LYS B 238 14.93 32.96 1.74
C LYS B 238 15.41 31.71 1.00
N LEU B 239 16.41 31.03 1.55
CA LEU B 239 17.00 29.87 0.90
C LEU B 239 15.97 28.76 0.65
N GLU B 240 15.08 28.54 1.62
CA GLU B 240 14.01 27.54 1.50
C GLU B 240 13.14 27.81 0.28
N ASP B 241 12.69 29.05 0.09
CA ASP B 241 11.85 29.40 -1.04
C ASP B 241 12.61 29.28 -2.36
N LEU B 242 13.86 29.76 -2.39
CA LEU B 242 14.68 29.67 -3.61
C LEU B 242 14.83 28.20 -4.01
N LEU B 243 15.19 27.34 -3.06
CA LEU B 243 15.35 25.92 -3.28
C LEU B 243 14.04 25.29 -3.78
N ARG B 244 12.91 25.61 -3.13
CA ARG B 244 11.60 25.12 -3.57
C ARG B 244 11.34 25.50 -5.02
N LYS B 245 11.56 26.76 -5.39
CA LYS B 245 11.29 27.27 -6.73
C LYS B 245 12.12 26.56 -7.77
N VAL B 246 13.45 26.48 -7.61
CA VAL B 246 14.29 25.77 -8.57
C VAL B 246 13.94 24.29 -8.64
N ARG B 247 13.74 23.64 -7.49
CA ARG B 247 13.47 22.20 -7.44
C ARG B 247 12.14 21.85 -8.13
N ALA B 248 11.11 22.68 -7.94
CA ALA B 248 9.83 22.51 -8.63
C ALA B 248 9.95 22.70 -10.15
N LYS B 249 10.79 23.64 -10.61
CA LYS B 249 10.99 23.91 -12.04
C LYS B 249 11.87 22.85 -12.72
N GLU B 250 12.84 22.30 -12.00
CA GLU B 250 13.96 21.54 -12.57
C GLU B 250 13.57 20.18 -13.16
N THR B 251 12.83 19.35 -12.43
CA THR B 251 12.52 17.98 -12.83
C THR B 251 11.40 17.95 -13.86
N ARG B 252 11.60 17.29 -15.00
CA ARG B 252 10.50 16.95 -15.93
C ARG B 252 9.70 15.78 -15.37
N LYS B 253 8.38 15.80 -15.61
CA LYS B 253 7.48 14.69 -15.31
C LYS B 253 7.92 13.41 -16.02
N ARG B 254 7.60 12.25 -15.42
CA ARG B 254 7.81 10.92 -15.99
C ARG B 254 6.58 10.08 -15.68
N ALA B 255 5.68 10.01 -16.64
CA ALA B 255 4.42 9.30 -16.50
C ALA B 255 4.67 7.84 -16.11
N LEU B 256 3.99 7.34 -15.08
CA LEU B 256 4.20 5.99 -14.60
C LEU B 256 3.51 4.95 -15.49
N SER B 257 2.37 5.30 -16.08
CA SER B 257 1.63 4.48 -17.05
C SER B 257 0.54 5.29 -17.75
N ARG B 258 -0.01 4.78 -18.87
CA ARG B 258 -0.93 5.50 -19.77
C ARG B 258 -2.29 4.79 -19.88
N LEU B 259 -2.96 4.57 -18.76
CA LEU B 259 -4.22 3.82 -18.70
C LEU B 259 -5.37 4.51 -19.43
N LYS B 260 -6.43 3.74 -19.70
CA LYS B 260 -7.71 4.26 -20.14
C LYS B 260 -8.73 4.16 -19.01
N LEU B 261 -9.40 5.24 -18.66
CA LEU B 261 -10.41 5.24 -17.62
C LEU B 261 -11.78 5.18 -18.27
N LYS B 262 -12.51 4.11 -17.96
CA LYS B 262 -13.72 3.70 -18.65
C LYS B 262 -14.92 4.05 -17.80
N LEU B 263 -15.74 4.98 -18.27
CA LEU B 263 -16.96 5.37 -17.56
C LEU B 263 -18.03 4.32 -17.78
N ASN B 264 -18.09 3.77 -18.99
CA ASN B 264 -18.73 2.50 -19.29
C ASN B 264 -17.93 1.82 -20.41
N LYS B 265 -18.55 0.86 -21.10
CA LYS B 265 -17.96 0.19 -22.25
C LYS B 265 -17.62 1.20 -23.34
N ASP B 266 -18.49 2.18 -23.56
CA ASP B 266 -18.35 3.07 -24.71
C ASP B 266 -17.50 4.30 -24.39
N ILE B 267 -17.84 5.05 -23.36
CA ILE B 267 -17.18 6.31 -23.05
C ILE B 267 -15.90 5.99 -22.30
N VAL B 268 -14.76 6.35 -22.87
CA VAL B 268 -13.44 6.08 -22.29
C VAL B 268 -12.51 7.27 -22.48
N ILE B 269 -11.74 7.65 -21.47
CA ILE B 269 -10.80 8.77 -21.53
C ILE B 269 -9.37 8.35 -21.23
N SER B 270 -8.42 9.05 -21.83
CA SER B 270 -6.99 8.83 -21.62
C SER B 270 -6.51 9.57 -20.37
N VAL B 271 -5.79 8.91 -19.47
CA VAL B 271 -5.22 9.54 -18.26
C VAL B 271 -3.80 9.08 -17.99
N GLY B 272 -3.01 9.94 -17.37
CA GLY B 272 -1.69 9.63 -16.87
C GLY B 272 -1.74 9.37 -15.37
N ILE B 273 -0.95 8.39 -14.92
CA ILE B 273 -0.77 8.05 -13.52
C ILE B 273 0.59 8.53 -13.07
N TYR B 274 0.68 9.12 -11.89
CA TYR B 274 1.94 9.63 -11.36
C TYR B 274 1.98 9.35 -9.87
N ASN B 275 3.16 9.08 -9.32
CA ASN B 275 3.28 8.65 -7.93
C ASN B 275 3.46 9.78 -6.91
N LEU B 276 4.14 10.87 -7.25
CA LEU B 276 4.23 12.13 -6.47
C LEU B 276 5.00 12.03 -5.14
N VAL B 277 4.90 10.91 -4.45
CA VAL B 277 5.69 10.48 -3.31
C VAL B 277 6.16 9.08 -3.63
N GLN B 278 7.44 8.75 -3.42
CA GLN B 278 7.91 7.39 -3.64
C GLN B 278 9.03 7.06 -2.68
N LYS B 279 8.94 5.89 -2.04
CA LYS B 279 9.82 5.51 -0.94
C LYS B 279 11.28 5.57 -1.36
N ALA B 280 12.05 6.43 -0.71
CA ALA B 280 13.50 6.44 -0.86
C ALA B 280 14.08 5.16 -0.26
N LEU B 281 15.09 4.61 -0.91
CA LEU B 281 15.75 3.37 -0.50
C LEU B 281 17.24 3.43 -0.77
N LYS B 282 18.00 2.74 0.06
CA LYS B 282 19.47 2.70 -0.03
C LYS B 282 19.88 2.02 -1.33
N PRO B 283 20.76 2.63 -2.15
CA PRO B 283 21.16 2.03 -3.43
C PRO B 283 21.88 0.71 -3.21
N PRO B 284 21.68 -0.29 -4.08
CA PRO B 284 22.32 -1.59 -3.92
C PRO B 284 23.82 -1.49 -4.21
N PRO B 285 24.68 -2.22 -3.48
CA PRO B 285 26.07 -2.39 -3.84
C PRO B 285 26.22 -2.98 -5.25
N ILE B 286 27.37 -2.74 -5.88
CA ILE B 286 27.74 -3.26 -7.19
C ILE B 286 29.02 -4.07 -7.04
N LYS B 287 29.02 -5.28 -7.59
CA LYS B 287 30.18 -6.14 -7.50
C LYS B 287 31.34 -5.55 -8.27
N LEU B 288 32.55 -5.70 -7.72
CA LEU B 288 33.71 -5.01 -8.22
C LEU B 288 34.87 -5.98 -8.33
N TYR B 289 35.70 -5.89 -9.39
CA TYR B 289 36.91 -6.70 -9.50
C TYR B 289 38.04 -6.16 -8.63
N ARG B 290 38.74 -7.05 -7.90
CA ARG B 290 39.77 -6.70 -6.91
C ARG B 290 40.94 -5.91 -7.47
N GLU B 291 41.46 -6.30 -8.63
CA GLU B 291 42.74 -5.78 -9.09
C GLU B 291 42.59 -4.51 -9.90
N THR B 292 41.63 -4.48 -10.83
CA THR B 292 41.52 -3.38 -11.78
C THR B 292 40.53 -2.30 -11.36
N ASN B 293 39.82 -2.48 -10.23
CA ASN B 293 38.78 -1.56 -9.81
C ASN B 293 37.73 -1.36 -10.91
N GLU B 294 37.53 -2.40 -11.70
CA GLU B 294 36.54 -2.34 -12.77
C GLU B 294 35.30 -3.13 -12.37
N PRO B 295 34.11 -2.60 -12.62
CA PRO B 295 32.89 -3.35 -12.32
C PRO B 295 32.85 -4.64 -13.11
N VAL B 296 32.11 -5.62 -12.59
CA VAL B 296 32.00 -6.98 -13.17
C VAL B 296 30.57 -7.30 -13.57
N LYS B 297 30.41 -8.10 -14.61
CA LYS B 297 29.14 -8.57 -15.14
C LYS B 297 28.82 -9.88 -14.43
N THR B 298 27.69 -9.98 -13.75
CA THR B 298 27.28 -11.25 -13.16
C THR B 298 26.17 -11.86 -13.99
N LYS B 299 26.23 -13.17 -14.21
CA LYS B 299 25.14 -13.87 -14.88
C LYS B 299 24.68 -14.96 -13.97
N THR B 300 23.57 -15.59 -14.33
CA THR B 300 22.92 -16.66 -13.55
C THR B 300 22.48 -17.81 -14.46
N ARG B 301 23.26 -18.90 -14.53
CA ARG B 301 22.86 -20.12 -15.22
C ARG B 301 21.99 -20.99 -14.30
N THR B 302 21.35 -21.96 -14.89
CA THR B 302 20.63 -23.07 -14.28
C THR B 302 20.86 -24.32 -15.12
N PHE B 303 21.26 -25.40 -14.45
CA PHE B 303 21.65 -26.62 -15.14
C PHE B 303 21.25 -27.82 -14.30
N ASN B 304 21.17 -28.98 -14.96
CA ASN B 304 20.81 -30.19 -14.27
C ASN B 304 21.88 -30.58 -13.26
N THR B 305 21.48 -31.05 -12.08
CA THR B 305 22.37 -31.59 -11.06
C THR B 305 23.27 -32.69 -11.61
N SER B 306 22.72 -33.64 -12.38
CA SER B 306 23.50 -34.76 -12.89
C SER B 306 24.16 -34.40 -14.21
N THR B 307 23.36 -34.09 -15.24
CA THR B 307 23.91 -33.85 -16.56
C THR B 307 24.73 -32.57 -16.61
N GLY B 308 24.25 -31.51 -15.97
CA GLY B 308 24.91 -30.23 -16.02
C GLY B 308 24.55 -29.38 -17.22
N GLY B 309 23.71 -29.90 -18.12
CA GLY B 309 23.30 -29.11 -19.25
C GLY B 309 22.38 -27.98 -18.85
N LEU B 310 22.49 -26.87 -19.56
CA LEU B 310 21.64 -25.72 -19.30
C LEU B 310 20.18 -26.09 -19.53
N LEU B 311 19.32 -25.63 -18.63
CA LEU B 311 17.93 -26.07 -18.63
C LEU B 311 17.03 -24.93 -19.13
N LEU B 312 16.31 -25.21 -20.20
CA LEU B 312 15.32 -24.25 -20.69
C LEU B 312 14.17 -24.16 -19.69
N PRO B 313 13.46 -23.02 -19.67
CA PRO B 313 12.25 -22.95 -18.84
C PRO B 313 11.23 -24.00 -19.21
N SER B 314 11.23 -24.50 -20.46
CA SER B 314 10.45 -25.67 -20.87
C SER B 314 10.91 -27.00 -20.26
N ASP B 315 12.16 -27.14 -19.85
CA ASP B 315 12.71 -28.38 -19.28
C ASP B 315 12.30 -28.63 -17.81
N THR B 316 11.49 -27.76 -17.24
CA THR B 316 11.06 -27.82 -15.84
C THR B 316 9.60 -27.43 -15.69
N LYS B 317 8.96 -27.91 -14.62
CA LYS B 317 7.55 -27.64 -14.30
C LYS B 317 7.46 -27.03 -12.93
N ARG B 318 6.35 -26.37 -12.63
CA ARG B 318 6.07 -25.75 -11.34
C ARG B 318 5.12 -26.64 -10.54
N SER B 319 5.39 -26.79 -9.25
CA SER B 319 4.61 -27.68 -8.40
C SER B 319 4.35 -27.11 -7.02
N GLN B 320 3.25 -27.55 -6.40
CA GLN B 320 2.96 -27.39 -4.99
C GLN B 320 2.45 -28.70 -4.42
N ILE B 321 2.71 -28.94 -3.14
CA ILE B 321 2.15 -30.07 -2.42
C ILE B 321 1.07 -29.53 -1.50
N TYR B 322 -0.16 -30.01 -1.64
CA TYR B 322 -1.23 -29.69 -0.71
C TYR B 322 -1.86 -30.98 -0.23
N GLY B 323 -2.49 -30.91 0.95
CA GLY B 323 -3.06 -32.10 1.54
C GLY B 323 -2.01 -33.16 1.73
N SER B 324 -2.04 -34.18 0.87
CA SER B 324 -0.96 -35.16 0.82
C SER B 324 -0.63 -35.52 -0.61
N ARG B 325 -0.70 -34.55 -1.52
CA ARG B 325 -0.52 -34.83 -2.94
C ARG B 325 0.30 -33.73 -3.58
N GLN B 326 0.96 -34.07 -4.67
CA GLN B 326 1.76 -33.16 -5.47
C GLN B 326 0.96 -32.77 -6.73
N ILE B 327 0.88 -31.48 -7.02
CA ILE B 327 0.14 -30.94 -8.16
C ILE B 327 1.11 -30.24 -9.09
N ILE B 328 1.03 -30.52 -10.38
CA ILE B 328 1.98 -30.06 -11.39
C ILE B 328 1.28 -29.05 -12.30
N LEU B 329 1.88 -27.89 -12.56
CA LEU B 329 1.36 -26.85 -13.43
C LEU B 329 2.48 -26.28 -14.29
N GLU B 330 2.10 -25.61 -15.37
CA GLU B 330 3.05 -25.01 -16.30
C GLU B 330 3.18 -23.52 -16.06
N LYS B 331 4.32 -22.96 -16.52
CA LYS B 331 4.62 -21.54 -16.39
C LYS B 331 3.57 -20.70 -17.11
N GLU B 332 3.13 -21.07 -18.28
CA GLU B 332 2.09 -20.35 -19.01
C GLU B 332 0.76 -20.48 -18.29
N GLU B 333 0.50 -21.65 -17.72
CA GLU B 333 -0.73 -21.85 -16.94
C GLU B 333 -0.76 -20.92 -15.73
N THR B 334 0.36 -20.83 -15.01
CA THR B 334 0.43 -19.95 -13.86
C THR B 334 0.19 -18.51 -14.27
N GLU B 335 0.79 -18.08 -15.38
CA GLU B 335 0.55 -16.72 -15.84
C GLU B 335 -0.90 -16.52 -16.21
N GLU B 336 -1.51 -17.52 -16.87
CA GLU B 336 -2.88 -17.36 -17.33
C GLU B 336 -3.87 -17.26 -16.19
N LEU B 337 -3.64 -18.02 -15.11
CA LEU B 337 -4.65 -18.02 -14.06
C LEU B 337 -4.73 -16.69 -13.33
N LYS B 338 -3.75 -15.79 -13.49
CA LYS B 338 -3.76 -14.43 -12.94
C LYS B 338 -4.54 -13.42 -13.78
N ARG B 339 -5.10 -13.81 -14.94
CA ARG B 339 -5.61 -12.84 -15.89
C ARG B 339 -7.02 -12.40 -15.50
N PHE B 340 -7.19 -11.09 -15.31
CA PHE B 340 -8.48 -10.48 -15.04
C PHE B 340 -8.56 -9.18 -15.80
N ASP B 341 -9.63 -8.98 -16.56
CA ASP B 341 -9.88 -7.70 -17.24
C ASP B 341 -8.71 -7.40 -18.16
N ASP B 342 -8.41 -6.12 -18.32
CA ASP B 342 -7.28 -5.61 -19.06
C ASP B 342 -6.75 -4.41 -18.31
N PRO B 343 -5.51 -3.96 -18.57
CA PRO B 343 -4.97 -2.77 -17.94
C PRO B 343 -5.92 -1.61 -18.12
N GLY B 344 -6.25 -0.91 -17.03
CA GLY B 344 -7.13 0.24 -17.13
C GLY B 344 -8.03 0.40 -15.93
N LEU B 345 -8.67 1.55 -15.81
CA LEU B 345 -9.54 1.88 -14.68
C LEU B 345 -10.98 1.76 -15.11
N MET B 346 -11.78 0.97 -14.42
CA MET B 346 -13.22 0.87 -14.71
C MET B 346 -14.04 1.47 -13.60
N LEU B 347 -14.93 2.40 -13.93
CA LEU B 347 -15.78 3.03 -12.94
C LEU B 347 -16.85 2.05 -12.45
N MET B 348 -16.95 1.92 -11.13
CA MET B 348 -17.99 1.17 -10.44
C MET B 348 -19.16 2.07 -10.07
N GLY B 349 -18.87 3.25 -9.53
CA GLY B 349 -19.90 4.20 -9.11
C GLY B 349 -19.34 5.33 -8.26
N PHE B 350 -20.20 6.09 -7.59
CA PHE B 350 -19.83 7.22 -6.75
C PHE B 350 -20.27 7.03 -5.31
N LYS B 351 -19.43 7.42 -4.35
CA LYS B 351 -19.64 7.22 -2.92
C LYS B 351 -19.29 8.49 -2.14
N PRO B 352 -20.11 8.93 -1.17
CA PRO B 352 -19.87 10.15 -0.43
C PRO B 352 -18.68 10.00 0.53
N LEU B 353 -17.83 11.03 0.59
CA LEU B 353 -16.47 10.93 1.16
C LEU B 353 -16.44 10.48 2.62
N VAL B 354 -17.48 10.77 3.38
CA VAL B 354 -17.58 10.39 4.80
C VAL B 354 -17.46 8.89 5.03
N LEU B 355 -17.82 8.05 4.07
CA LEU B 355 -17.76 6.60 4.20
C LEU B 355 -16.36 6.01 4.10
N LEU B 356 -15.37 6.75 3.60
CA LEU B 356 -14.00 6.27 3.47
C LEU B 356 -13.29 6.38 4.83
N LYS B 357 -13.30 5.33 5.66
CA LYS B 357 -12.67 5.39 6.98
C LYS B 357 -11.19 5.79 6.89
N LYS B 358 -10.74 6.61 7.83
CA LYS B 358 -9.37 7.12 7.89
C LYS B 358 -8.35 6.02 8.10
N HIS B 359 -8.58 5.11 9.03
CA HIS B 359 -7.63 4.04 9.38
C HIS B 359 -7.65 2.84 8.43
N HIS B 360 -8.32 2.91 7.28
CA HIS B 360 -8.25 1.87 6.24
C HIS B 360 -7.14 2.16 5.22
N TYR B 361 -5.99 2.65 5.69
CA TYR B 361 -4.82 2.75 4.84
C TYR B 361 -4.35 1.36 4.40
N LEU B 362 -3.61 1.28 3.29
CA LEU B 362 -3.05 0.02 2.79
C LEU B 362 -1.71 0.23 2.10
N ARG B 363 -1.61 1.13 1.13
CA ARG B 363 -0.37 1.41 0.41
C ARG B 363 -0.37 2.87 -0.02
N PRO B 364 0.76 3.47 -0.36
CA PRO B 364 0.78 4.89 -0.66
C PRO B 364 -0.12 5.24 -1.85
N SER B 365 -0.78 6.40 -1.79
CA SER B 365 -1.71 6.84 -2.83
C SER B 365 -1.01 7.16 -4.15
N LEU B 366 -1.78 7.33 -5.22
CA LEU B 366 -1.30 7.79 -6.53
C LEU B 366 -2.10 9.03 -6.98
N PHE B 367 -1.63 9.73 -8.00
CA PHE B 367 -2.24 10.94 -8.53
C PHE B 367 -2.63 10.74 -9.99
N VAL B 368 -3.83 11.16 -10.38
CA VAL B 368 -4.38 10.93 -11.73
C VAL B 368 -4.71 12.24 -12.43
N TYR B 369 -4.31 12.38 -13.70
CA TYR B 369 -4.42 13.62 -14.48
C TYR B 369 -4.70 13.29 -15.95
N PRO B 370 -5.44 14.11 -16.73
CA PRO B 370 -5.84 13.74 -18.08
C PRO B 370 -4.66 13.76 -19.03
N GLU B 371 -4.69 12.91 -20.05
CA GLU B 371 -3.58 12.76 -20.99
C GLU B 371 -4.07 12.93 -22.43
N GLU B 372 -4.16 14.19 -22.85
CA GLU B 372 -4.82 14.58 -24.09
C GLU B 372 -4.12 14.05 -25.35
N SER B 373 -2.85 13.68 -25.26
CA SER B 373 -2.04 13.30 -26.41
C SER B 373 -2.53 12.04 -27.15
N LEU B 374 -3.29 11.17 -26.50
CA LEU B 374 -3.82 9.93 -27.09
C LEU B 374 -5.30 10.02 -27.47
N VAL B 375 -6.10 10.75 -26.71
CA VAL B 375 -7.56 10.86 -26.88
C VAL B 375 -7.98 12.31 -26.67
N ILE B 376 -8.34 12.97 -27.75
CA ILE B 376 -8.75 14.37 -27.78
C ILE B 376 -10.13 14.49 -27.13
N GLY B 377 -10.34 15.55 -26.37
CA GLY B 377 -11.53 15.82 -25.57
C GLY B 377 -11.46 15.31 -24.14
N SER B 378 -10.50 14.44 -23.80
CA SER B 378 -10.44 13.80 -22.48
C SER B 378 -10.42 14.81 -21.34
N SER B 379 -9.64 15.88 -21.47
CA SER B 379 -9.53 16.91 -20.45
C SER B 379 -10.85 17.61 -20.14
N THR B 380 -11.74 17.76 -21.12
CA THR B 380 -13.02 18.41 -20.91
C THR B 380 -13.91 17.56 -20.01
N LEU B 381 -14.01 16.25 -20.27
CA LEU B 381 -14.69 15.36 -19.34
C LEU B 381 -14.01 15.41 -17.98
N PHE B 382 -12.69 15.28 -17.94
CA PHE B 382 -11.98 15.18 -16.68
C PHE B 382 -12.27 16.38 -15.80
N SER B 383 -12.18 17.58 -16.36
CA SER B 383 -12.44 18.80 -15.62
C SER B 383 -13.91 18.91 -15.22
N ALA B 384 -14.84 18.56 -16.11
CA ALA B 384 -16.25 18.57 -15.76
C ALA B 384 -16.53 17.64 -14.58
N LEU B 385 -15.95 16.45 -14.59
CA LEU B 385 -16.07 15.50 -13.50
C LEU B 385 -15.49 16.07 -12.23
N LEU B 386 -14.28 16.64 -12.30
CA LEU B 386 -13.66 17.19 -11.09
C LEU B 386 -14.54 18.28 -10.49
N ILE B 387 -15.04 19.18 -11.33
CA ILE B 387 -15.87 20.31 -10.90
C ILE B 387 -17.10 19.79 -10.17
N LYS B 388 -17.87 18.89 -10.80
CA LYS B 388 -19.13 18.45 -10.22
C LYS B 388 -18.95 17.59 -8.98
N CYS B 389 -18.01 16.65 -8.97
CA CYS B 389 -17.83 15.85 -7.76
C CYS B 389 -17.22 16.67 -6.61
N LEU B 390 -16.40 17.70 -6.88
CA LEU B 390 -16.03 18.65 -5.83
C LEU B 390 -17.25 19.36 -5.30
N GLU B 391 -18.16 19.82 -6.16
CA GLU B 391 -19.33 20.53 -5.66
C GLU B 391 -20.22 19.62 -4.84
N LYS B 392 -20.32 18.33 -5.19
CA LYS B 392 -21.14 17.33 -4.49
C LYS B 392 -20.49 16.57 -3.34
N GLU B 393 -19.22 16.82 -3.01
CA GLU B 393 -18.53 16.21 -1.85
C GLU B 393 -18.43 14.67 -1.93
N VAL B 394 -18.01 14.15 -3.08
CA VAL B 394 -18.14 12.72 -3.44
C VAL B 394 -16.87 12.16 -4.08
N ALA B 395 -16.49 10.93 -3.75
CA ALA B 395 -15.48 10.13 -4.45
C ALA B 395 -16.09 9.26 -5.55
N ALA B 396 -15.32 8.93 -6.58
CA ALA B 396 -15.66 7.80 -7.44
C ALA B 396 -15.02 6.53 -6.89
N LEU B 397 -15.50 5.36 -7.30
CA LEU B 397 -14.92 4.07 -6.98
C LEU B 397 -14.69 3.29 -8.26
N CYS B 398 -13.53 2.67 -8.40
CA CYS B 398 -13.12 1.98 -9.60
C CYS B 398 -12.49 0.63 -9.30
N ARG B 399 -12.60 -0.29 -10.25
CA ARG B 399 -11.73 -1.46 -10.30
C ARG B 399 -10.48 -1.07 -11.05
N TYR B 400 -9.34 -1.42 -10.50
CA TYR B 400 -8.05 -1.01 -10.96
C TYR B 400 -7.26 -2.19 -11.43
N THR B 401 -6.56 -2.02 -12.53
CA THR B 401 -5.67 -3.05 -13.05
C THR B 401 -4.42 -2.38 -13.59
N PRO B 402 -3.30 -2.45 -12.89
CA PRO B 402 -2.15 -1.62 -13.26
C PRO B 402 -1.58 -1.99 -14.61
N ARG B 403 -1.26 -3.26 -14.83
CA ARG B 403 -0.50 -3.80 -15.97
C ARG B 403 -1.09 -5.13 -16.40
N ARG B 404 -0.68 -5.69 -17.54
CA ARG B 404 -1.31 -6.94 -18.02
C ARG B 404 -1.14 -8.07 -16.99
N ASN B 405 -2.15 -8.92 -16.84
CA ASN B 405 -2.10 -10.13 -16.03
C ASN B 405 -1.83 -9.82 -14.56
N ILE B 406 -2.68 -9.01 -13.93
CA ILE B 406 -2.63 -8.78 -12.48
C ILE B 406 -4.06 -8.84 -11.94
N PRO B 407 -4.33 -9.51 -10.82
CA PRO B 407 -5.64 -9.49 -10.20
C PRO B 407 -6.06 -8.09 -9.90
N PRO B 408 -7.35 -7.77 -10.01
CA PRO B 408 -7.80 -6.40 -9.88
C PRO B 408 -7.71 -5.93 -8.43
N TYR B 409 -7.92 -4.63 -8.27
CA TYR B 409 -7.96 -4.01 -6.96
C TYR B 409 -9.04 -2.95 -6.94
N PHE B 410 -9.60 -2.68 -5.78
CA PHE B 410 -10.59 -1.62 -5.62
C PHE B 410 -9.89 -0.36 -5.15
N VAL B 411 -10.07 0.71 -5.91
CA VAL B 411 -9.50 2.01 -5.59
C VAL B 411 -10.61 3.05 -5.63
N ALA B 412 -10.43 4.11 -4.86
CA ALA B 412 -11.39 5.20 -4.77
C ALA B 412 -10.73 6.49 -5.21
N LEU B 413 -11.38 7.20 -6.14
CA LEU B 413 -10.87 8.46 -6.66
C LEU B 413 -11.44 9.59 -5.82
N VAL B 414 -10.58 10.39 -5.23
CA VAL B 414 -10.97 11.50 -4.37
C VAL B 414 -10.62 12.80 -5.08
N PRO B 415 -11.54 13.74 -5.29
CA PRO B 415 -11.20 14.98 -5.94
C PRO B 415 -10.30 15.84 -5.05
N GLN B 416 -9.43 16.60 -5.69
CA GLN B 416 -8.41 17.42 -5.05
C GLN B 416 -8.27 18.72 -5.82
N GLU B 417 -8.54 19.83 -5.15
CA GLU B 417 -8.55 21.14 -5.78
C GLU B 417 -7.17 21.79 -5.71
N GLU B 418 -6.84 22.55 -6.75
CA GLU B 418 -5.54 23.21 -6.82
C GLU B 418 -5.40 24.22 -5.69
N GLU B 419 -4.20 24.31 -5.12
CA GLU B 419 -3.94 25.25 -4.04
C GLU B 419 -2.53 25.78 -4.14
N LEU B 420 -2.40 27.09 -4.23
CA LEU B 420 -1.12 27.78 -4.29
C LEU B 420 -0.86 28.45 -2.95
N ASP B 421 0.41 28.50 -2.55
CA ASP B 421 0.84 29.27 -1.39
C ASP B 421 1.03 30.77 -1.72
N ASP B 422 1.42 31.56 -0.73
CA ASP B 422 1.70 32.98 -0.88
C ASP B 422 2.93 33.28 -1.73
N GLN B 423 3.72 32.32 -2.17
CA GLN B 423 4.83 32.43 -3.12
C GLN B 423 4.43 31.99 -4.53
N LYS B 424 3.15 31.65 -4.76
CA LYS B 424 2.61 31.02 -5.97
C LYS B 424 3.25 29.69 -6.34
N ILE B 425 3.90 29.01 -5.39
CA ILE B 425 4.31 27.61 -5.59
C ILE B 425 3.05 26.75 -5.55
N GLN B 426 2.95 25.78 -6.45
CA GLN B 426 1.83 24.86 -6.47
C GLN B 426 2.01 23.81 -5.37
N VAL B 427 1.25 23.93 -4.27
CA VAL B 427 1.37 23.05 -3.11
C VAL B 427 0.72 21.71 -3.40
N THR B 428 -0.54 21.76 -3.84
CA THR B 428 -1.30 20.59 -4.28
C THR B 428 -1.70 20.75 -5.72
N PRO B 429 -1.32 19.87 -6.65
CA PRO B 429 -1.79 19.96 -8.03
C PRO B 429 -3.26 19.52 -8.16
N PRO B 430 -4.00 20.04 -9.15
CA PRO B 430 -5.40 19.67 -9.37
C PRO B 430 -5.55 18.28 -9.97
N GLY B 431 -6.48 17.47 -9.46
CA GLY B 431 -6.78 16.16 -10.04
C GLY B 431 -7.57 15.26 -9.12
N PHE B 432 -7.52 13.96 -9.36
CA PHE B 432 -8.06 12.95 -8.46
C PHE B 432 -6.94 12.25 -7.72
N GLN B 433 -7.07 12.11 -6.41
CA GLN B 433 -6.18 11.26 -5.63
C GLN B 433 -6.69 9.83 -5.70
N LEU B 434 -5.83 8.87 -6.01
CA LEU B 434 -6.18 7.46 -6.12
C LEU B 434 -5.75 6.77 -4.84
N VAL B 435 -6.74 6.32 -4.09
CA VAL B 435 -6.62 5.64 -2.79
C VAL B 435 -6.90 4.16 -2.97
N PHE B 436 -6.04 3.28 -2.49
CA PHE B 436 -6.31 1.85 -2.48
C PHE B 436 -7.17 1.46 -1.28
N LEU B 437 -8.13 0.55 -1.46
CA LEU B 437 -9.00 0.05 -0.41
C LEU B 437 -8.71 -1.42 -0.12
N PRO B 438 -8.75 -1.84 1.14
CA PRO B 438 -8.38 -3.22 1.51
C PRO B 438 -9.50 -4.20 1.23
N PHE B 439 -9.09 -5.45 0.97
CA PHE B 439 -10.05 -6.54 0.88
C PHE B 439 -10.38 -7.03 2.28
N ALA B 440 -11.29 -8.01 2.39
CA ALA B 440 -11.63 -8.61 3.68
C ALA B 440 -10.43 -9.32 4.33
N ASP B 441 -9.60 -9.97 3.53
CA ASP B 441 -8.41 -10.67 4.03
C ASP B 441 -7.37 -9.74 4.66
N ASP B 442 -7.45 -8.43 4.42
CA ASP B 442 -6.44 -7.52 4.92
C ASP B 442 -6.63 -7.16 6.39
N LYS B 443 -7.85 -7.19 6.92
CA LYS B 443 -8.10 -6.94 8.34
C LYS B 443 -7.61 -8.09 9.22
N ARG B 444 -6.91 -7.79 10.31
CA ARG B 444 -6.55 -8.71 11.40
C ARG B 444 -7.46 -8.45 12.60
N LYS B 445 -8.06 -9.47 13.19
CA LYS B 445 -8.96 -9.32 14.37
C LYS B 445 -8.17 -9.02 15.63
N MET B 446 -8.63 -8.05 16.43
CA MET B 446 -7.99 -7.67 17.70
C MET B 446 -8.46 -8.52 18.90
N PRO B 447 -7.62 -8.70 19.94
CA PRO B 447 -8.02 -9.37 21.18
C PRO B 447 -8.98 -8.52 21.97
N PHE B 448 -9.83 -9.16 22.77
CA PHE B 448 -10.85 -8.41 23.55
C PHE B 448 -10.16 -7.60 24.66
N THR B 449 -10.71 -6.45 25.07
CA THR B 449 -10.24 -5.70 26.24
C THR B 449 -11.36 -4.87 26.87
N GLU B 450 -11.32 -4.66 28.19
CA GLU B 450 -12.30 -3.85 28.92
C GLU B 450 -12.07 -2.35 28.78
N LYS B 451 -13.15 -1.58 28.59
CA LYS B 451 -13.13 -0.11 28.60
C LYS B 451 -12.88 0.41 30.02
N ILE B 452 -11.96 1.35 30.18
CA ILE B 452 -11.74 2.10 31.42
C ILE B 452 -11.62 3.58 31.07
N MET B 453 -12.33 4.44 31.78
CA MET B 453 -12.57 5.82 31.38
C MET B 453 -11.83 6.83 32.26
N ALA B 454 -11.10 7.76 31.65
CA ALA B 454 -10.45 8.84 32.39
C ALA B 454 -11.45 9.84 32.97
N THR B 455 -11.07 10.53 34.04
CA THR B 455 -11.86 11.59 34.65
C THR B 455 -11.64 12.93 33.92
N PRO B 456 -12.57 13.89 34.03
CA PRO B 456 -12.39 15.19 33.40
C PRO B 456 -11.19 15.95 33.98
N GLU B 457 -10.81 15.73 35.24
CA GLU B 457 -9.64 16.37 35.84
C GLU B 457 -8.36 15.81 35.22
N GLN B 458 -8.32 14.49 35.00
CA GLN B 458 -7.20 13.84 34.32
C GLN B 458 -7.05 14.37 32.90
N VAL B 459 -8.16 14.40 32.15
CA VAL B 459 -8.19 14.96 30.80
C VAL B 459 -7.77 16.44 30.83
N GLY B 460 -8.22 17.21 31.82
CA GLY B 460 -7.86 18.62 31.98
C GLY B 460 -6.36 18.84 32.10
N LYS B 461 -5.70 18.16 33.02
CA LYS B 461 -4.24 18.21 33.11
C LYS B 461 -3.62 17.79 31.79
N MET B 462 -4.13 16.75 31.17
CA MET B 462 -3.52 16.26 29.96
C MET B 462 -3.67 17.24 28.79
N LYS B 463 -4.80 17.93 28.68
CA LYS B 463 -4.96 19.01 27.71
C LYS B 463 -3.91 20.08 27.95
N ALA B 464 -3.69 20.46 29.20
CA ALA B 464 -2.71 21.48 29.51
C ALA B 464 -1.33 21.01 29.04
N ILE B 465 -1.01 19.75 29.31
CA ILE B 465 0.22 19.12 28.86
C ILE B 465 0.33 19.12 27.33
N VAL B 466 -0.73 18.75 26.63
CA VAL B 466 -0.74 18.70 25.18
C VAL B 466 -0.50 20.07 24.58
N GLU B 467 -1.21 21.10 25.06
CA GLU B 467 -1.02 22.45 24.58
C GLU B 467 0.40 22.95 24.84
N LYS B 468 0.95 22.66 26.04
CA LYS B 468 2.33 22.99 26.37
C LYS B 468 3.35 22.28 25.48
N LEU B 469 2.97 21.21 24.79
CA LEU B 469 3.82 20.48 23.84
C LEU B 469 3.44 20.72 22.38
N ARG B 470 2.63 21.73 22.10
CA ARG B 470 2.24 22.01 20.73
C ARG B 470 3.41 22.52 19.87
N PHE B 471 3.41 22.23 18.58
CA PHE B 471 4.33 22.78 17.59
C PHE B 471 3.73 22.70 16.16
N THR B 472 4.35 23.33 15.17
CA THR B 472 3.87 23.30 13.78
C THR B 472 4.58 22.22 12.95
N TYR B 473 3.81 21.39 12.25
CA TYR B 473 4.33 20.29 11.44
C TYR B 473 4.33 20.60 9.94
N ARG B 474 5.42 20.25 9.24
CA ARG B 474 5.56 20.26 7.78
C ARG B 474 6.30 19.02 7.29
N SER B 475 5.93 18.47 6.13
CA SER B 475 6.56 17.24 5.62
C SER B 475 8.05 17.36 5.36
N ASP B 476 8.55 18.52 4.96
CA ASP B 476 9.98 18.73 4.71
C ASP B 476 10.83 18.80 5.98
N SER B 477 10.24 18.67 7.18
CA SER B 477 10.94 18.90 8.45
C SER B 477 12.00 17.84 8.82
N PHE B 478 11.94 16.63 8.28
CA PHE B 478 12.74 15.51 8.78
C PHE B 478 13.51 14.79 7.67
N GLU B 479 14.80 14.57 7.88
CA GLU B 479 15.65 13.77 6.99
C GLU B 479 15.81 12.34 7.48
N ASN B 480 16.14 11.40 6.60
CA ASN B 480 16.31 9.99 6.93
C ASN B 480 17.68 9.77 7.51
N PRO B 481 17.81 9.41 8.81
CA PRO B 481 19.11 9.30 9.45
C PRO B 481 20.00 8.28 8.79
N VAL B 482 19.41 7.16 8.34
CA VAL B 482 20.20 6.08 7.76
C VAL B 482 20.84 6.53 6.46
N LEU B 483 20.09 7.14 5.53
CA LEU B 483 20.69 7.62 4.29
C LEU B 483 21.69 8.73 4.57
N GLN B 484 21.32 9.66 5.45
CA GLN B 484 22.16 10.82 5.75
C GLN B 484 23.52 10.41 6.31
N GLN B 485 23.61 9.37 7.14
CA GLN B 485 24.92 8.90 7.59
C GLN B 485 25.66 8.14 6.49
N HIS B 486 24.96 7.31 5.72
CA HIS B 486 25.58 6.47 4.68
C HIS B 486 26.35 7.30 3.64
N PHE B 487 25.72 8.36 3.14
CA PHE B 487 26.38 9.21 2.16
C PHE B 487 27.53 10.00 2.77
N ARG B 488 27.45 10.41 4.04
CA ARG B 488 28.60 10.99 4.73
C ARG B 488 29.78 10.01 4.75
N ASN B 489 29.52 8.75 5.05
CA ASN B 489 30.56 7.74 5.06
C ASN B 489 31.19 7.58 3.67
N LEU B 490 30.37 7.47 2.63
CA LEU B 490 30.86 7.35 1.26
C LEU B 490 31.73 8.55 0.86
N GLU B 491 31.30 9.77 1.16
CA GLU B 491 32.08 10.95 0.80
C GLU B 491 33.44 10.98 1.50
N ALA B 492 33.50 10.62 2.78
CA ALA B 492 34.77 10.59 3.49
C ALA B 492 35.77 9.63 2.83
N LEU B 493 35.29 8.51 2.30
CA LEU B 493 36.10 7.58 1.53
C LEU B 493 36.45 8.17 0.16
N ALA B 494 35.47 8.71 -0.57
CA ALA B 494 35.69 9.24 -1.92
C ALA B 494 36.68 10.41 -1.92
N LEU B 495 36.67 11.23 -0.87
CA LEU B 495 37.56 12.37 -0.68
C LEU B 495 38.87 12.00 0.04
N ASP B 496 39.08 10.73 0.40
CA ASP B 496 40.22 10.25 1.18
C ASP B 496 40.37 10.88 2.58
N LEU B 497 39.35 11.63 3.02
CA LEU B 497 39.27 12.27 4.33
C LEU B 497 39.18 11.25 5.47
N MET B 498 38.64 10.07 5.18
CA MET B 498 38.65 8.85 6.00
C MET B 498 37.83 8.88 7.31
N GLU B 499 37.73 10.00 8.01
CA GLU B 499 36.99 10.11 9.27
C GLU B 499 35.66 10.86 9.07
N PRO B 500 34.54 10.19 8.80
CA PRO B 500 33.30 10.85 8.40
C PRO B 500 32.65 11.65 9.53
N GLU B 501 32.00 12.74 9.12
CA GLU B 501 31.09 13.52 9.95
C GLU B 501 29.96 12.62 10.49
N GLN B 502 29.73 12.68 11.79
CA GLN B 502 28.56 12.06 12.40
C GLN B 502 27.37 13.01 12.25
N ALA B 503 26.43 12.66 11.36
CA ALA B 503 25.25 13.47 11.12
C ALA B 503 24.35 13.50 12.37
N VAL B 504 23.82 14.66 12.77
CA VAL B 504 22.83 14.71 13.86
C VAL B 504 21.50 14.06 13.44
N ASP B 505 20.99 13.12 14.24
CA ASP B 505 19.66 12.56 14.03
C ASP B 505 18.58 13.51 14.55
N LEU B 506 18.07 14.35 13.66
CA LEU B 506 17.00 15.30 13.96
C LEU B 506 15.65 14.64 14.26
N THR B 507 15.49 13.32 14.08
CA THR B 507 14.24 12.66 14.47
C THR B 507 14.14 12.48 15.98
N LEU B 508 15.26 12.58 16.71
CA LEU B 508 15.26 12.42 18.16
C LEU B 508 14.50 13.56 18.87
N PRO B 509 13.81 13.29 20.00
CA PRO B 509 13.09 14.31 20.75
C PRO B 509 14.03 15.28 21.46
N LYS B 510 13.58 16.53 21.65
CA LYS B 510 14.35 17.62 22.30
C LYS B 510 14.18 17.58 23.82
N VAL B 511 14.51 16.45 24.40
CA VAL B 511 14.09 16.00 25.74
C VAL B 511 14.21 17.08 26.82
N GLU B 512 15.36 17.72 26.96
CA GLU B 512 15.62 18.65 28.05
C GLU B 512 14.75 19.90 27.94
N ALA B 513 14.62 20.44 26.73
CA ALA B 513 13.73 21.56 26.46
C ALA B 513 12.27 21.19 26.72
N MET B 514 11.88 19.97 26.33
CA MET B 514 10.51 19.49 26.55
C MET B 514 10.23 19.34 28.05
N ASN B 515 11.14 18.78 28.82
CA ASN B 515 11.06 18.75 30.27
C ASN B 515 10.94 20.15 30.87
N LYS B 516 11.78 21.09 30.43
CA LYS B 516 11.75 22.47 30.90
C LYS B 516 10.40 23.12 30.61
N ARG B 517 9.89 22.94 29.39
CA ARG B 517 8.59 23.45 28.94
C ARG B 517 7.42 22.85 29.72
N LEU B 518 7.56 21.63 30.24
CA LEU B 518 6.55 20.98 31.10
C LEU B 518 6.59 21.43 32.56
N GLY B 519 7.77 21.71 33.10
CA GLY B 519 7.88 22.14 34.49
C GLY B 519 7.34 21.07 35.42
N SER B 520 6.44 21.47 36.30
CA SER B 520 5.92 20.57 37.32
C SER B 520 4.66 19.83 36.87
N LEU B 521 4.20 20.03 35.63
CA LEU B 521 2.98 19.37 35.13
C LEU B 521 3.11 17.86 35.12
N VAL B 522 4.27 17.34 34.79
CA VAL B 522 4.48 15.89 34.76
C VAL B 522 4.32 15.32 36.15
N ASP B 523 5.01 15.89 37.14
CA ASP B 523 4.88 15.32 38.48
C ASP B 523 3.46 15.48 39.01
N GLU B 524 2.74 16.55 38.63
CA GLU B 524 1.36 16.78 39.03
C GLU B 524 0.47 15.70 38.42
N PHE B 525 0.62 15.46 37.12
CA PHE B 525 -0.13 14.42 36.46
C PHE B 525 0.18 13.05 37.07
N LYS B 526 1.44 12.77 37.38
CA LYS B 526 1.83 11.46 37.90
C LYS B 526 1.23 11.22 39.27
N GLU B 527 1.43 12.18 40.18
CA GLU B 527 0.83 12.07 41.51
C GLU B 527 -0.68 11.90 41.42
N LEU B 528 -1.32 12.59 40.47
CA LEU B 528 -2.77 12.53 40.33
C LEU B 528 -3.25 11.18 39.82
N VAL B 529 -2.72 10.68 38.69
CA VAL B 529 -3.27 9.48 38.05
C VAL B 529 -2.66 8.18 38.58
N TYR B 530 -1.36 8.14 38.83
CA TYR B 530 -0.72 6.89 39.22
C TYR B 530 -0.92 6.64 40.71
N PRO B 531 -1.15 5.40 41.10
CA PRO B 531 -1.21 5.06 42.52
C PRO B 531 0.16 5.22 43.15
N PRO B 532 0.24 5.26 44.48
CA PRO B 532 1.55 5.42 45.12
C PRO B 532 2.53 4.31 44.78
N ASP B 533 2.05 3.17 44.33
CA ASP B 533 2.90 2.08 43.87
C ASP B 533 2.88 2.04 42.35
N TYR B 534 4.05 1.84 41.75
CA TYR B 534 4.19 1.81 40.30
C TYR B 534 3.39 0.65 39.71
N SER E 1 -26.69 -4.39 20.51
CA SER E 1 -26.39 -4.20 19.09
C SER E 1 -24.89 -4.04 18.80
N LYS E 2 -24.07 -3.72 19.81
CA LYS E 2 -22.60 -3.48 19.64
C LYS E 2 -21.91 -4.81 19.27
N VAL E 3 -22.37 -5.93 19.82
CA VAL E 3 -21.91 -7.27 19.43
C VAL E 3 -23.07 -7.99 18.74
N LYS E 4 -22.80 -8.68 17.63
CA LYS E 4 -23.82 -9.10 16.66
C LYS E 4 -23.92 -10.63 16.54
N ARG E 5 -25.16 -11.15 16.55
CA ARG E 5 -25.49 -12.59 16.52
C ARG E 5 -25.15 -13.30 15.21
N LYS E 6 -24.86 -12.53 14.14
CA LYS E 6 -24.54 -13.03 12.80
C LYS E 6 -23.26 -13.87 12.69
N LYS E 7 -22.35 -13.81 13.68
CA LYS E 7 -21.04 -14.48 13.66
C LYS E 7 -21.21 -15.98 13.37
N PRO E 8 -20.59 -16.55 12.33
CA PRO E 8 -20.80 -17.96 12.02
C PRO E 8 -20.19 -18.91 13.04
N ARG E 9 -20.74 -20.12 13.11
CA ARG E 9 -20.44 -21.17 14.11
C ARG E 9 -20.06 -22.51 13.46
N GLY E 10 -19.25 -23.32 14.16
CA GLY E 10 -19.02 -24.72 13.83
C GLY E 10 -18.60 -24.92 12.37
N LEU E 11 -19.39 -25.68 11.61
CA LEU E 11 -19.19 -25.91 10.18
C LEU E 11 -18.94 -24.60 9.39
N PHE E 12 -19.64 -23.53 9.73
CA PHE E 12 -19.52 -22.24 9.06
C PHE E 12 -18.30 -21.42 9.52
N SER E 13 -17.59 -21.85 10.55
CA SER E 13 -16.37 -21.20 11.05
C SER E 13 -15.45 -22.17 11.78
C1 IHP F . -17.52 -1.51 11.02
C2 IHP F . -18.33 -2.46 11.96
C3 IHP F . -17.93 -3.90 11.60
C4 IHP F . -16.48 -4.19 12.13
C5 IHP F . -15.50 -3.00 11.75
C6 IHP F . -16.08 -2.11 10.64
O11 IHP F . -17.50 -0.15 11.56
P1 IHP F . -18.73 0.77 11.23
O21 IHP F . -18.72 2.02 12.01
O31 IHP F . -20.05 0.12 11.43
O41 IHP F . -18.63 1.16 9.81
O12 IHP F . -18.04 -2.12 13.35
P2 IHP F . -18.87 -2.70 14.57
O22 IHP F . -20.34 -2.60 14.33
O32 IHP F . -18.61 -1.95 15.81
O42 IHP F . -18.55 -4.12 14.85
O13 IHP F . -18.94 -4.89 11.90
P3 IHP F . -20.00 -5.17 10.73
O23 IHP F . -19.59 -6.31 9.88
O33 IHP F . -20.26 -4.00 9.86
O43 IHP F . -21.30 -5.57 11.33
O14 IHP F . -16.08 -5.47 11.59
P4 IHP F . -14.64 -6.03 11.86
O24 IHP F . -13.68 -5.46 10.90
O34 IHP F . -14.68 -7.50 11.67
O44 IHP F . -14.21 -5.82 13.26
O15 IHP F . -15.04 -2.25 12.89
P5 IHP F . -13.93 -1.13 12.62
O25 IHP F . -12.80 -1.71 11.84
O35 IHP F . -13.37 -0.75 13.94
O45 IHP F . -14.38 0.11 11.94
O16 IHP F . -16.12 -2.90 9.43
P6 IHP F . -15.89 -2.09 8.08
O26 IHP F . -16.98 -1.10 7.85
O36 IHP F . -14.61 -1.32 8.09
O46 IHP F . -15.81 -3.05 6.95
C 2OP G . -20.83 1.92 24.25
O 2OP G . -20.30 2.19 23.23
CB 2OP G . -21.75 3.33 26.09
OHN 2OP G . -19.48 3.55 25.26
CA 2OP G . -20.50 2.63 25.55
#